data_2A2B
#
_entry.id   2A2B
#
_entity_poly.entity_id   1
_entity_poly.type   'polypeptide(L)'
_entity_poly.pdbx_seq_one_letter_code
;ARSYGNGVYCNNKKCWVNRGEATQSIIGGMISGWASGLAGM
;
_entity_poly.pdbx_strand_id   A
#
# COMPACT_ATOMS: atom_id res chain seq x y z
N ALA A 1 3.80 16.16 6.92
CA ALA A 1 4.74 15.82 5.87
C ALA A 1 5.84 14.95 6.45
N ARG A 2 6.25 13.95 5.67
CA ARG A 2 7.30 13.04 6.10
C ARG A 2 8.04 12.48 4.88
N SER A 3 9.03 11.65 5.17
CA SER A 3 9.82 11.04 4.11
C SER A 3 10.79 10.02 4.70
N TYR A 4 10.25 9.20 5.60
CA TYR A 4 11.05 8.17 6.24
C TYR A 4 11.31 7.00 5.30
N GLY A 5 10.44 6.88 4.30
CA GLY A 5 10.56 5.81 3.33
C GLY A 5 9.70 6.09 2.10
N ASN A 6 8.94 5.07 1.70
CA ASN A 6 8.07 5.19 0.54
C ASN A 6 6.62 5.35 1.02
N GLY A 7 6.33 6.54 1.55
CA GLY A 7 4.99 6.82 2.04
C GLY A 7 5.05 7.55 3.39
N VAL A 8 4.71 6.81 4.43
CA VAL A 8 4.72 7.36 5.78
C VAL A 8 3.59 8.38 5.91
N TYR A 9 3.72 9.46 5.14
CA TYR A 9 2.72 10.52 5.16
C TYR A 9 1.61 10.24 4.14
N CYS A 10 1.29 8.97 3.98
CA CYS A 10 0.25 8.57 3.05
C CYS A 10 0.77 8.84 1.62
N ASN A 11 -0.01 8.37 0.66
CA ASN A 11 0.35 8.57 -0.74
C ASN A 11 0.14 10.03 -1.12
N ASN A 12 -1.13 10.42 -1.13
CA ASN A 12 -1.48 11.79 -1.48
C ASN A 12 -2.94 12.04 -1.09
N LYS A 13 -3.84 11.36 -1.78
CA LYS A 13 -5.26 11.50 -1.53
C LYS A 13 -5.72 10.36 -0.62
N LYS A 14 -5.13 9.20 -0.83
CA LYS A 14 -5.47 8.03 -0.05
C LYS A 14 -4.75 8.08 1.30
N CYS A 15 -4.44 6.91 1.83
CA CYS A 15 -3.75 6.82 3.11
C CYS A 15 -3.60 5.34 3.46
N TRP A 16 -2.38 4.86 3.32
CA TRP A 16 -2.09 3.47 3.63
C TRP A 16 -1.54 3.40 5.06
N VAL A 17 -1.61 2.21 5.63
CA VAL A 17 -1.13 2.00 6.98
C VAL A 17 -0.37 0.67 7.05
N ASN A 18 0.80 0.72 7.67
CA ASN A 18 1.63 -0.47 7.81
C ASN A 18 1.77 -1.15 6.45
N ARG A 19 2.83 -0.79 5.75
CA ARG A 19 3.09 -1.35 4.44
C ARG A 19 3.67 -2.76 4.58
N GLY A 20 4.78 -2.84 5.30
CA GLY A 20 5.43 -4.13 5.51
C GLY A 20 4.47 -5.14 6.12
N GLU A 21 3.90 -4.77 7.26
CA GLU A 21 2.96 -5.64 7.94
C GLU A 21 1.89 -6.13 6.97
N ALA A 22 1.22 -5.18 6.34
CA ALA A 22 0.17 -5.50 5.40
C ALA A 22 0.74 -6.40 4.29
N THR A 23 1.88 -5.98 3.77
CA THR A 23 2.54 -6.72 2.72
C THR A 23 2.77 -8.17 3.15
N GLN A 24 3.63 -8.33 4.15
CA GLN A 24 3.94 -9.65 4.67
C GLN A 24 2.66 -10.40 5.05
N SER A 25 1.62 -9.62 5.31
CA SER A 25 0.34 -10.19 5.67
C SER A 25 -0.14 -11.14 4.58
N ILE A 26 -0.72 -12.25 5.01
CA ILE A 26 -1.23 -13.24 4.08
C ILE A 26 -2.22 -12.58 3.12
N ILE A 27 -3.10 -11.77 3.70
CA ILE A 27 -4.09 -11.07 2.92
C ILE A 27 -3.42 -10.33 1.77
N GLY A 28 -2.23 -9.82 2.06
CA GLY A 28 -1.47 -9.08 1.06
C GLY A 28 -2.22 -7.83 0.60
N GLY A 29 -1.89 -6.72 1.25
CA GLY A 29 -2.53 -5.45 0.92
C GLY A 29 -2.00 -4.90 -0.41
N MET A 30 -0.68 -4.77 -0.47
CA MET A 30 -0.05 -4.27 -1.68
C MET A 30 -0.40 -5.13 -2.89
N ILE A 31 -0.19 -6.42 -2.74
CA ILE A 31 -0.48 -7.36 -3.82
C ILE A 31 -1.94 -7.18 -4.26
N SER A 32 -2.84 -7.28 -3.29
CA SER A 32 -4.25 -7.13 -3.57
C SER A 32 -4.48 -5.96 -4.54
N GLY A 33 -3.65 -4.94 -4.38
CA GLY A 33 -3.75 -3.76 -5.24
C GLY A 33 -3.24 -4.06 -6.64
N TRP A 34 -2.14 -4.80 -6.70
CA TRP A 34 -1.55 -5.16 -7.96
C TRP A 34 -2.59 -5.93 -8.78
N ALA A 35 -3.11 -6.99 -8.18
CA ALA A 35 -4.11 -7.81 -8.83
C ALA A 35 -5.34 -6.95 -9.14
N SER A 36 -5.64 -6.05 -8.22
CA SER A 36 -6.78 -5.17 -8.38
C SER A 36 -6.56 -4.23 -9.57
N GLY A 37 -5.30 -3.87 -9.76
CA GLY A 37 -4.95 -2.99 -10.87
C GLY A 37 -5.09 -3.70 -12.21
N LEU A 38 -4.40 -4.82 -12.32
CA LEU A 38 -4.46 -5.60 -13.55
C LEU A 38 -5.90 -6.00 -13.85
N ALA A 39 -6.56 -6.52 -12.82
CA ALA A 39 -7.94 -6.94 -12.96
C ALA A 39 -8.83 -5.71 -13.14
N GLY A 40 -8.42 -4.63 -12.49
CA GLY A 40 -9.17 -3.38 -12.56
C GLY A 40 -8.88 -2.65 -13.88
N MET A 41 -9.22 -3.32 -14.98
CA MET A 41 -9.02 -2.76 -16.30
C MET A 41 -7.59 -2.24 -16.45
N ALA A 1 0.61 16.94 1.03
CA ALA A 1 1.43 16.03 1.81
C ALA A 1 0.54 15.19 2.71
N ARG A 2 -0.08 14.18 2.11
CA ARG A 2 -0.97 13.30 2.84
C ARG A 2 -0.24 12.71 4.06
N SER A 3 -0.90 11.76 4.70
CA SER A 3 -0.34 11.12 5.87
C SER A 3 -1.22 9.95 6.31
N TYR A 4 -2.26 10.28 7.06
CA TYR A 4 -3.18 9.27 7.54
C TYR A 4 -2.43 8.02 8.02
N GLY A 5 -1.31 8.25 8.68
CA GLY A 5 -0.50 7.16 9.18
C GLY A 5 0.98 7.36 8.83
N ASN A 6 1.31 7.00 7.60
CA ASN A 6 2.68 7.14 7.12
C ASN A 6 2.80 6.52 5.74
N GLY A 7 2.06 5.45 5.53
CA GLY A 7 2.08 4.75 4.25
C GLY A 7 0.71 4.86 3.56
N VAL A 8 0.39 6.07 3.13
CA VAL A 8 -0.87 6.32 2.46
C VAL A 8 -0.60 6.90 1.08
N TYR A 9 -0.05 8.11 1.08
CA TYR A 9 0.27 8.80 -0.16
C TYR A 9 0.99 7.86 -1.13
N CYS A 10 1.91 7.09 -0.58
CA CYS A 10 2.68 6.16 -1.38
C CYS A 10 3.44 6.95 -2.45
N ASN A 11 4.52 6.34 -2.93
CA ASN A 11 5.34 6.98 -3.95
C ASN A 11 4.55 7.06 -5.26
N ASN A 12 5.26 7.36 -6.33
CA ASN A 12 4.64 7.48 -7.64
C ASN A 12 4.91 6.20 -8.43
N LYS A 13 6.18 5.84 -8.51
CA LYS A 13 6.59 4.64 -9.24
C LYS A 13 6.45 3.43 -8.31
N LYS A 14 6.94 3.59 -7.09
CA LYS A 14 6.89 2.53 -6.11
C LYS A 14 5.46 2.38 -5.60
N CYS A 15 5.10 3.27 -4.69
CA CYS A 15 3.76 3.26 -4.11
C CYS A 15 3.67 2.07 -3.14
N TRP A 16 3.84 2.36 -1.86
CA TRP A 16 3.79 1.32 -0.85
C TRP A 16 2.64 1.68 0.11
N VAL A 17 2.09 0.64 0.73
CA VAL A 17 1.00 0.82 1.66
C VAL A 17 1.48 0.50 3.07
N ASN A 18 1.74 -0.79 3.29
CA ASN A 18 2.21 -1.24 4.59
C ASN A 18 3.16 -2.43 4.39
N ARG A 19 4.44 -2.11 4.33
CA ARG A 19 5.46 -3.14 4.14
C ARG A 19 5.29 -4.25 5.19
N GLY A 20 5.25 -3.83 6.44
CA GLY A 20 5.08 -4.77 7.54
C GLY A 20 4.08 -5.87 7.18
N GLU A 21 2.89 -5.42 6.80
CA GLU A 21 1.84 -6.36 6.42
C GLU A 21 2.35 -7.36 5.41
N ALA A 22 3.15 -6.87 4.48
CA ALA A 22 3.72 -7.73 3.45
C ALA A 22 4.47 -8.89 4.10
N THR A 23 5.34 -8.54 5.04
CA THR A 23 6.11 -9.54 5.74
C THR A 23 5.19 -10.49 6.52
N GLN A 24 4.24 -9.88 7.22
CA GLN A 24 3.29 -10.66 8.01
C GLN A 24 2.73 -11.81 7.17
N SER A 25 2.11 -11.46 6.07
CA SER A 25 1.52 -12.46 5.18
C SER A 25 1.89 -12.15 3.74
N ILE A 26 2.28 -13.20 3.02
CA ILE A 26 2.67 -13.04 1.62
C ILE A 26 1.54 -12.34 0.87
N ILE A 27 0.32 -12.77 1.14
CA ILE A 27 -0.84 -12.18 0.49
C ILE A 27 -0.78 -10.66 0.64
N GLY A 28 -0.22 -10.23 1.76
CA GLY A 28 -0.11 -8.79 2.03
C GLY A 28 0.28 -8.03 0.77
N GLY A 29 1.04 -8.69 -0.08
CA GLY A 29 1.48 -8.08 -1.32
C GLY A 29 0.33 -8.00 -2.33
N MET A 30 -0.33 -9.13 -2.52
CA MET A 30 -1.44 -9.20 -3.45
C MET A 30 -2.56 -8.24 -3.03
N ILE A 31 -2.94 -8.34 -1.77
CA ILE A 31 -3.99 -7.49 -1.23
C ILE A 31 -3.65 -6.02 -1.49
N SER A 32 -2.46 -5.64 -1.04
CA SER A 32 -1.99 -4.28 -1.22
C SER A 32 -2.30 -3.80 -2.63
N GLY A 33 -2.20 -4.72 -3.58
CA GLY A 33 -2.47 -4.40 -4.97
C GLY A 33 -3.97 -4.21 -5.21
N TRP A 34 -4.75 -5.05 -4.55
CA TRP A 34 -6.20 -4.98 -4.68
C TRP A 34 -6.65 -3.59 -4.23
N ALA A 35 -6.31 -3.27 -2.99
CA ALA A 35 -6.67 -1.98 -2.42
C ALA A 35 -6.08 -0.87 -3.29
N SER A 36 -4.87 -1.11 -3.78
CA SER A 36 -4.20 -0.15 -4.61
C SER A 36 -5.05 0.17 -5.84
N GLY A 37 -5.70 -0.87 -6.35
CA GLY A 37 -6.55 -0.71 -7.52
C GLY A 37 -7.82 0.04 -7.18
N LEU A 38 -8.47 -0.39 -6.10
CA LEU A 38 -9.69 0.24 -5.65
C LEU A 38 -9.44 1.73 -5.41
N ALA A 39 -8.39 2.00 -4.65
CA ALA A 39 -8.04 3.37 -4.33
C ALA A 39 -7.65 4.11 -5.62
N GLY A 40 -7.19 3.33 -6.60
CA GLY A 40 -6.78 3.88 -7.87
C GLY A 40 -7.99 4.41 -8.64
N MET A 41 -8.50 5.55 -8.18
CA MET A 41 -9.64 6.18 -8.81
C MET A 41 -9.34 6.54 -10.27
N ALA A 1 4.65 16.65 3.49
CA ALA A 1 5.34 16.37 4.74
C ALA A 1 6.72 15.77 4.41
N ARG A 2 6.69 14.66 3.70
CA ARG A 2 7.92 13.98 3.33
C ARG A 2 8.05 13.91 1.81
N SER A 3 9.07 13.19 1.37
CA SER A 3 9.31 13.02 -0.06
C SER A 3 10.35 11.92 -0.29
N TYR A 4 10.17 10.82 0.43
CA TYR A 4 11.08 9.70 0.32
C TYR A 4 10.88 8.98 -1.02
N GLY A 5 9.85 8.16 -1.07
CA GLY A 5 9.54 7.39 -2.27
C GLY A 5 8.54 6.28 -1.97
N ASN A 6 8.67 5.71 -0.79
CA ASN A 6 7.79 4.63 -0.37
C ASN A 6 6.59 5.22 0.39
N GLY A 7 6.16 6.39 -0.07
CA GLY A 7 5.03 7.07 0.56
C GLY A 7 5.49 7.89 1.77
N VAL A 8 5.61 7.21 2.90
CA VAL A 8 6.04 7.86 4.12
C VAL A 8 4.94 8.80 4.60
N TYR A 9 4.69 9.82 3.79
CA TYR A 9 3.67 10.81 4.11
C TYR A 9 2.30 10.37 3.58
N CYS A 10 2.06 9.07 3.62
CA CYS A 10 0.81 8.52 3.14
C CYS A 10 0.80 8.60 1.61
N ASN A 11 -0.22 8.00 1.01
CA ASN A 11 -0.35 7.99 -0.43
C ASN A 11 -1.19 9.20 -0.86
N ASN A 12 -2.49 9.09 -0.63
CA ASN A 12 -3.41 10.15 -0.99
C ASN A 12 -4.80 9.83 -0.45
N LYS A 13 -5.28 8.65 -0.80
CA LYS A 13 -6.59 8.20 -0.35
C LYS A 13 -6.49 7.69 1.08
N LYS A 14 -5.35 7.11 1.39
CA LYS A 14 -5.11 6.58 2.72
C LYS A 14 -3.61 6.60 3.02
N CYS A 15 -3.27 6.15 4.22
CA CYS A 15 -1.87 6.10 4.63
C CYS A 15 -1.36 4.68 4.48
N TRP A 16 -1.30 3.98 5.60
CA TRP A 16 -0.84 2.60 5.60
C TRP A 16 -1.39 1.92 6.85
N VAL A 17 -1.25 2.59 7.98
CA VAL A 17 -1.73 2.06 9.24
C VAL A 17 -0.95 0.80 9.59
N ASN A 18 -1.35 -0.30 8.96
CA ASN A 18 -0.71 -1.58 9.18
C ASN A 18 -0.40 -2.24 7.84
N ARG A 19 0.79 -1.97 7.34
CA ARG A 19 1.22 -2.54 6.07
C ARG A 19 1.87 -3.91 6.29
N GLY A 20 2.84 -3.93 7.18
CA GLY A 20 3.55 -5.17 7.49
C GLY A 20 2.59 -6.36 7.48
N GLU A 21 1.56 -6.27 8.31
CA GLU A 21 0.58 -7.33 8.40
C GLU A 21 0.08 -7.72 7.00
N ALA A 22 -0.26 -6.70 6.23
CA ALA A 22 -0.75 -6.92 4.88
C ALA A 22 0.30 -7.69 4.09
N THR A 23 1.52 -7.18 4.11
CA THR A 23 2.61 -7.82 3.40
C THR A 23 2.77 -9.27 3.83
N GLN A 24 3.17 -9.45 5.08
CA GLN A 24 3.35 -10.78 5.63
C GLN A 24 2.13 -11.65 5.31
N SER A 25 0.95 -11.06 5.47
CA SER A 25 -0.28 -11.76 5.22
C SER A 25 -0.23 -12.44 3.84
N ILE A 26 -0.66 -13.69 3.82
CA ILE A 26 -0.65 -14.45 2.58
C ILE A 26 -1.73 -13.89 1.64
N ILE A 27 -2.90 -13.65 2.20
CA ILE A 27 -4.01 -13.11 1.44
C ILE A 27 -3.65 -11.72 0.92
N GLY A 28 -2.91 -11.00 1.75
CA GLY A 28 -2.47 -9.65 1.38
C GLY A 28 -3.63 -8.88 0.73
N GLY A 29 -4.38 -8.18 1.58
CA GLY A 29 -5.51 -7.40 1.10
C GLY A 29 -5.03 -6.12 0.39
N MET A 30 -4.22 -5.35 1.11
CA MET A 30 -3.69 -4.12 0.57
C MET A 30 -2.93 -4.37 -0.74
N ILE A 31 -2.02 -5.32 -0.68
CA ILE A 31 -1.22 -5.67 -1.85
C ILE A 31 -2.16 -6.01 -3.01
N SER A 32 -3.05 -6.95 -2.75
CA SER A 32 -4.00 -7.38 -3.76
C SER A 32 -4.59 -6.15 -4.47
N GLY A 33 -4.79 -5.10 -3.70
CA GLY A 33 -5.34 -3.87 -4.23
C GLY A 33 -4.29 -3.10 -5.04
N TRP A 34 -3.06 -3.16 -4.56
CA TRP A 34 -1.96 -2.49 -5.23
C TRP A 34 -1.81 -3.07 -6.63
N ALA A 35 -1.57 -4.39 -6.65
CA ALA A 35 -1.40 -5.09 -7.92
C ALA A 35 -2.68 -4.93 -8.76
N SER A 36 -3.82 -5.03 -8.07
CA SER A 36 -5.10 -4.90 -8.73
C SER A 36 -5.23 -3.52 -9.35
N GLY A 37 -4.66 -2.55 -8.67
CA GLY A 37 -4.71 -1.16 -9.13
C GLY A 37 -3.85 -0.98 -10.38
N LEU A 38 -2.58 -1.34 -10.26
CA LEU A 38 -1.65 -1.22 -11.35
C LEU A 38 -2.07 -2.17 -12.48
N ALA A 39 -2.27 -3.42 -12.10
CA ALA A 39 -2.68 -4.45 -13.06
C ALA A 39 -4.09 -4.13 -13.56
N GLY A 40 -4.87 -3.49 -12.70
CA GLY A 40 -6.23 -3.13 -13.04
C GLY A 40 -6.33 -2.66 -14.49
N MET A 41 -5.32 -1.92 -14.91
CA MET A 41 -5.27 -1.40 -16.26
C MET A 41 -6.59 -0.71 -16.63
N ALA A 1 -0.51 19.96 2.27
CA ALA A 1 -0.58 18.81 3.15
C ALA A 1 0.60 17.88 2.87
N ARG A 2 1.47 17.77 3.86
CA ARG A 2 2.63 16.91 3.74
C ARG A 2 2.22 15.45 3.68
N SER A 3 2.95 14.69 2.87
CA SER A 3 2.66 13.27 2.71
C SER A 3 3.82 12.59 1.97
N TYR A 4 4.29 13.24 0.92
CA TYR A 4 5.39 12.71 0.13
C TYR A 4 5.28 11.19 0.00
N GLY A 5 4.09 10.75 -0.37
CA GLY A 5 3.84 9.32 -0.54
C GLY A 5 3.61 8.65 0.81
N ASN A 6 4.56 7.79 1.19
CA ASN A 6 4.47 7.08 2.45
C ASN A 6 5.84 7.05 3.11
N GLY A 7 5.97 7.85 4.18
CA GLY A 7 7.21 7.92 4.91
C GLY A 7 7.77 9.35 4.89
N VAL A 8 7.38 10.11 5.90
CA VAL A 8 7.83 11.49 6.01
C VAL A 8 7.20 12.13 7.25
N TYR A 9 5.98 12.61 7.07
CA TYR A 9 5.26 13.24 8.16
C TYR A 9 5.41 12.44 9.45
N CYS A 10 5.50 11.14 9.29
CA CYS A 10 5.64 10.25 10.43
C CYS A 10 4.34 10.30 11.25
N ASN A 11 4.16 9.29 12.08
CA ASN A 11 2.97 9.21 12.91
C ASN A 11 3.22 9.99 14.21
N ASN A 12 4.12 9.46 15.02
CA ASN A 12 4.45 10.08 16.29
C ASN A 12 5.83 9.60 16.74
N LYS A 13 5.88 8.32 17.08
CA LYS A 13 7.14 7.72 17.54
C LYS A 13 7.86 7.08 16.34
N LYS A 14 7.10 6.30 15.59
CA LYS A 14 7.66 5.64 14.42
C LYS A 14 7.58 6.57 13.21
N CYS A 15 7.28 5.98 12.07
CA CYS A 15 7.17 6.75 10.84
C CYS A 15 6.60 5.84 9.75
N TRP A 16 7.27 4.72 9.55
CA TRP A 16 6.85 3.76 8.54
C TRP A 16 6.94 4.44 7.17
N VAL A 17 7.65 3.77 6.27
CA VAL A 17 7.82 4.29 4.93
C VAL A 17 7.11 3.38 3.93
N ASN A 18 7.32 2.09 4.11
CA ASN A 18 6.71 1.09 3.25
C ASN A 18 5.52 0.45 3.96
N ARG A 19 4.34 0.67 3.40
CA ARG A 19 3.12 0.14 3.98
C ARG A 19 2.72 -1.15 3.25
N GLY A 20 2.57 -1.03 1.94
CA GLY A 20 2.19 -2.16 1.11
C GLY A 20 0.66 -2.31 1.06
N GLU A 21 0.21 -2.91 -0.02
CA GLU A 21 -1.23 -3.12 -0.21
C GLU A 21 -1.75 -4.11 0.83
N ALA A 22 -0.82 -4.79 1.48
CA ALA A 22 -1.18 -5.76 2.50
C ALA A 22 -1.94 -5.07 3.63
N THR A 23 -1.34 -4.00 4.13
CA THR A 23 -1.94 -3.23 5.21
C THR A 23 -3.05 -2.32 4.66
N GLN A 24 -2.68 -1.55 3.65
CA GLN A 24 -3.63 -0.63 3.03
C GLN A 24 -4.99 -1.30 2.88
N SER A 25 -4.98 -2.45 2.21
CA SER A 25 -6.20 -3.20 1.99
C SER A 25 -5.96 -4.69 2.25
N ILE A 26 -6.83 -5.27 3.06
CA ILE A 26 -6.73 -6.68 3.39
C ILE A 26 -7.06 -7.52 2.16
N ILE A 27 -8.11 -7.10 1.46
CA ILE A 27 -8.53 -7.81 0.26
C ILE A 27 -7.37 -7.89 -0.72
N GLY A 28 -6.57 -6.83 -0.73
CA GLY A 28 -5.42 -6.77 -1.63
C GLY A 28 -5.80 -6.21 -2.99
N GLY A 29 -5.56 -4.92 -3.15
CA GLY A 29 -5.88 -4.25 -4.41
C GLY A 29 -4.88 -4.64 -5.50
N MET A 30 -3.61 -4.50 -5.18
CA MET A 30 -2.55 -4.83 -6.11
C MET A 30 -2.68 -6.28 -6.60
N ILE A 31 -2.79 -7.18 -5.65
CA ILE A 31 -2.92 -8.60 -5.96
C ILE A 31 -4.10 -8.80 -6.91
N SER A 32 -5.25 -8.29 -6.47
CA SER A 32 -6.47 -8.41 -7.26
C SER A 32 -6.16 -8.14 -8.73
N GLY A 33 -5.23 -7.23 -8.95
CA GLY A 33 -4.83 -6.86 -10.30
C GLY A 33 -3.99 -7.96 -10.93
N TRP A 34 -3.06 -8.49 -10.14
CA TRP A 34 -2.19 -9.55 -10.60
C TRP A 34 -3.05 -10.72 -11.05
N ALA A 35 -3.90 -11.17 -10.14
CA ALA A 35 -4.78 -12.30 -10.43
C ALA A 35 -5.70 -11.92 -11.59
N SER A 36 -6.10 -10.66 -11.61
CA SER A 36 -6.98 -10.17 -12.66
C SER A 36 -6.27 -10.24 -14.01
N GLY A 37 -4.96 -10.01 -13.96
CA GLY A 37 -4.15 -10.03 -15.17
C GLY A 37 -4.03 -11.47 -15.71
N LEU A 38 -3.54 -12.35 -14.84
CA LEU A 38 -3.36 -13.73 -15.22
C LEU A 38 -4.72 -14.37 -15.47
N ALA A 39 -5.62 -14.18 -14.51
CA ALA A 39 -6.96 -14.73 -14.62
C ALA A 39 -7.70 -14.04 -15.77
N GLY A 40 -7.31 -12.80 -16.01
CA GLY A 40 -7.92 -12.01 -17.07
C GLY A 40 -8.14 -12.87 -18.32
N MET A 41 -7.17 -13.72 -18.59
CA MET A 41 -7.24 -14.60 -19.74
C MET A 41 -6.03 -15.52 -19.82
N ALA A 1 0.07 21.58 12.33
CA ALA A 1 1.51 21.58 12.45
C ALA A 1 2.08 20.32 11.79
N ARG A 2 1.63 19.18 12.28
CA ARG A 2 2.07 17.91 11.75
C ARG A 2 3.60 17.78 11.87
N SER A 3 4.02 16.83 12.68
CA SER A 3 5.44 16.59 12.90
C SER A 3 5.71 15.10 13.06
N TYR A 4 5.59 14.62 14.29
CA TYR A 4 5.81 13.23 14.59
C TYR A 4 7.04 12.70 13.85
N GLY A 5 7.13 11.38 13.77
CA GLY A 5 8.25 10.75 13.09
C GLY A 5 7.80 9.46 12.40
N ASN A 6 8.79 8.70 11.93
CA ASN A 6 8.51 7.45 11.25
C ASN A 6 7.77 7.72 9.95
N GLY A 7 8.26 8.73 9.23
CA GLY A 7 7.66 9.11 7.96
C GLY A 7 6.16 9.35 8.12
N VAL A 8 5.83 10.34 8.94
CA VAL A 8 4.44 10.68 9.18
C VAL A 8 3.89 11.49 8.01
N TYR A 9 4.77 12.30 7.44
CA TYR A 9 4.39 13.13 6.31
C TYR A 9 5.22 12.78 5.07
N CYS A 10 5.18 11.50 4.71
CA CYS A 10 5.92 11.02 3.56
C CYS A 10 7.41 11.23 3.83
N ASN A 11 8.21 10.73 2.90
CA ASN A 11 9.66 10.85 3.02
C ASN A 11 10.11 12.19 2.42
N ASN A 12 9.94 12.31 1.11
CA ASN A 12 10.32 13.51 0.40
C ASN A 12 9.60 13.56 -0.94
N LYS A 13 9.98 12.63 -1.80
CA LYS A 13 9.37 12.56 -3.13
C LYS A 13 8.27 11.49 -3.12
N LYS A 14 8.51 10.44 -2.36
CA LYS A 14 7.54 9.35 -2.26
C LYS A 14 6.60 9.62 -1.10
N CYS A 15 5.98 8.55 -0.61
CA CYS A 15 5.05 8.67 0.50
C CYS A 15 4.63 7.26 0.91
N TRP A 16 5.59 6.34 0.87
CA TRP A 16 5.34 4.96 1.23
C TRP A 16 4.53 4.32 0.11
N VAL A 17 3.25 4.66 0.07
CA VAL A 17 2.36 4.12 -0.95
C VAL A 17 2.26 2.61 -0.77
N ASN A 18 1.02 2.14 -0.70
CA ASN A 18 0.77 0.71 -0.54
C ASN A 18 1.78 0.13 0.46
N ARG A 19 1.40 0.20 1.73
CA ARG A 19 2.25 -0.30 2.80
C ARG A 19 1.66 -1.59 3.38
N GLY A 20 0.35 -1.57 3.58
CA GLY A 20 -0.35 -2.72 4.13
C GLY A 20 -0.15 -3.95 3.25
N GLU A 21 -0.71 -3.87 2.05
CA GLU A 21 -0.61 -4.97 1.10
C GLU A 21 0.86 -5.41 0.97
N ALA A 22 1.75 -4.44 1.07
CA ALA A 22 3.17 -4.71 0.96
C ALA A 22 3.59 -5.66 2.08
N THR A 23 3.23 -5.29 3.30
CA THR A 23 3.56 -6.10 4.46
C THR A 23 2.70 -7.36 4.49
N GLN A 24 1.44 -7.20 4.11
CA GLN A 24 0.51 -8.30 4.08
C GLN A 24 1.11 -9.49 3.34
N SER A 25 1.35 -9.28 2.06
CA SER A 25 1.93 -10.31 1.21
C SER A 25 2.61 -9.68 -0.01
N ILE A 26 3.69 -10.32 -0.44
CA ILE A 26 4.43 -9.84 -1.59
C ILE A 26 3.56 -9.96 -2.83
N ILE A 27 2.78 -11.02 -2.88
CA ILE A 27 1.90 -11.27 -4.01
C ILE A 27 0.81 -10.19 -4.05
N GLY A 28 0.40 -9.78 -2.87
CA GLY A 28 -0.63 -8.76 -2.74
C GLY A 28 -2.01 -9.39 -2.55
N GLY A 29 -2.55 -9.22 -1.36
CA GLY A 29 -3.85 -9.77 -1.04
C GLY A 29 -4.97 -8.95 -1.72
N MET A 30 -4.84 -7.65 -1.61
CA MET A 30 -5.83 -6.76 -2.20
C MET A 30 -5.88 -6.93 -3.72
N ILE A 31 -4.72 -6.85 -4.34
CA ILE A 31 -4.62 -7.00 -5.78
C ILE A 31 -5.27 -8.33 -6.19
N SER A 32 -4.79 -9.40 -5.58
CA SER A 32 -5.32 -10.72 -5.87
C SER A 32 -6.84 -10.67 -5.99
N GLY A 33 -7.44 -9.82 -5.16
CA GLY A 33 -8.88 -9.67 -5.17
C GLY A 33 -9.35 -8.86 -6.39
N TRP A 34 -8.57 -7.82 -6.70
CA TRP A 34 -8.89 -6.97 -7.83
C TRP A 34 -8.87 -7.83 -9.09
N ALA A 35 -7.73 -8.46 -9.32
CA ALA A 35 -7.56 -9.32 -10.49
C ALA A 35 -8.60 -10.44 -10.43
N SER A 36 -8.82 -10.95 -9.23
CA SER A 36 -9.78 -12.03 -9.04
C SER A 36 -11.16 -11.59 -9.54
N GLY A 37 -11.46 -10.32 -9.29
CA GLY A 37 -12.74 -9.77 -9.69
C GLY A 37 -12.82 -9.62 -11.21
N LEU A 38 -11.80 -8.99 -11.78
CA LEU A 38 -11.74 -8.78 -13.21
C LEU A 38 -11.78 -10.13 -13.91
N ALA A 39 -10.92 -11.03 -13.47
CA ALA A 39 -10.85 -12.36 -14.05
C ALA A 39 -12.16 -13.10 -13.75
N GLY A 40 -12.78 -12.72 -12.65
CA GLY A 40 -14.03 -13.34 -12.24
C GLY A 40 -15.20 -12.81 -13.06
N MET A 41 -15.11 -13.02 -14.37
CA MET A 41 -16.15 -12.57 -15.27
C MET A 41 -16.30 -11.05 -15.23
N ALA A 1 7.04 19.01 7.63
CA ALA A 1 8.17 18.13 7.40
C ALA A 1 7.66 16.73 7.07
N ARG A 2 6.95 16.15 8.03
CA ARG A 2 6.40 14.82 7.86
C ARG A 2 7.53 13.80 7.64
N SER A 3 7.34 12.62 8.19
CA SER A 3 8.32 11.55 8.06
C SER A 3 7.79 10.27 8.70
N TYR A 4 7.88 10.21 10.01
CA TYR A 4 7.41 9.05 10.75
C TYR A 4 7.89 7.75 10.09
N GLY A 5 9.12 7.37 10.44
CA GLY A 5 9.70 6.16 9.88
C GLY A 5 9.37 6.01 8.39
N ASN A 6 8.33 5.24 8.13
CA ASN A 6 7.90 5.01 6.76
C ASN A 6 6.41 4.65 6.74
N GLY A 7 5.66 5.40 5.95
CA GLY A 7 4.23 5.18 5.84
C GLY A 7 3.44 6.34 6.43
N VAL A 8 3.61 7.50 5.81
CA VAL A 8 2.92 8.70 6.25
C VAL A 8 2.94 9.74 5.14
N TYR A 9 4.11 9.88 4.52
CA TYR A 9 4.27 10.84 3.44
C TYR A 9 3.01 10.90 2.57
N CYS A 10 2.70 9.77 1.95
CA CYS A 10 1.53 9.69 1.09
C CYS A 10 1.69 10.71 -0.03
N ASN A 11 1.98 10.21 -1.22
CA ASN A 11 2.15 11.07 -2.38
C ASN A 11 1.04 12.12 -2.39
N ASN A 12 -0.16 11.66 -2.73
CA ASN A 12 -1.31 12.54 -2.78
C ASN A 12 -2.56 11.74 -3.17
N LYS A 13 -2.43 11.01 -4.27
CA LYS A 13 -3.52 10.18 -4.75
C LYS A 13 -3.33 8.75 -4.27
N LYS A 14 -2.12 8.25 -4.49
CA LYS A 14 -1.79 6.89 -4.09
C LYS A 14 -1.95 6.75 -2.57
N CYS A 15 -1.06 7.41 -1.85
CA CYS A 15 -1.09 7.37 -0.39
C CYS A 15 -0.77 5.94 0.05
N TRP A 16 0.27 5.84 0.87
CA TRP A 16 0.68 4.54 1.38
C TRP A 16 0.84 4.66 2.90
N VAL A 17 0.82 3.51 3.55
CA VAL A 17 0.97 3.47 5.00
C VAL A 17 1.33 2.04 5.43
N ASN A 18 0.61 1.09 4.86
CA ASN A 18 0.84 -0.32 5.17
C ASN A 18 1.62 -0.97 4.02
N ARG A 19 2.94 -0.94 4.17
CA ARG A 19 3.81 -1.53 3.17
C ARG A 19 4.43 -2.82 3.68
N GLY A 20 4.91 -2.75 4.92
CA GLY A 20 5.52 -3.90 5.55
C GLY A 20 4.55 -5.08 5.61
N GLU A 21 3.55 -4.95 6.46
CA GLU A 21 2.56 -6.00 6.63
C GLU A 21 1.89 -6.31 5.28
N ALA A 22 1.97 -5.32 4.38
CA ALA A 22 1.38 -5.48 3.07
C ALA A 22 2.10 -6.59 2.31
N THR A 23 3.43 -6.47 2.28
CA THR A 23 4.26 -7.45 1.59
C THR A 23 4.55 -8.63 2.52
N GLN A 24 4.88 -8.30 3.76
CA GLN A 24 5.19 -9.32 4.75
C GLN A 24 4.07 -10.35 4.82
N SER A 25 2.86 -9.85 4.98
CA SER A 25 1.69 -10.72 5.06
C SER A 25 1.58 -11.57 3.80
N ILE A 26 1.42 -12.86 4.00
CA ILE A 26 1.30 -13.79 2.89
C ILE A 26 0.05 -13.44 2.07
N ILE A 27 -1.02 -13.12 2.80
CA ILE A 27 -2.27 -12.76 2.16
C ILE A 27 -2.03 -11.62 1.17
N GLY A 28 -1.12 -10.74 1.54
CA GLY A 28 -0.79 -9.60 0.70
C GLY A 28 -2.03 -8.74 0.43
N GLY A 29 -2.17 -7.69 1.25
CA GLY A 29 -3.30 -6.79 1.11
C GLY A 29 -3.13 -5.88 -0.11
N MET A 30 -1.96 -5.26 -0.20
CA MET A 30 -1.66 -4.38 -1.30
C MET A 30 -1.79 -5.10 -2.64
N ILE A 31 -1.12 -6.23 -2.73
CA ILE A 31 -1.17 -7.03 -3.95
C ILE A 31 -2.62 -7.32 -4.32
N SER A 32 -3.34 -7.89 -3.36
CA SER A 32 -4.74 -8.23 -3.56
C SER A 32 -5.44 -7.09 -4.30
N GLY A 33 -5.03 -5.87 -3.99
CA GLY A 33 -5.61 -4.70 -4.61
C GLY A 33 -5.16 -4.58 -6.07
N TRP A 34 -3.88 -4.83 -6.30
CA TRP A 34 -3.32 -4.76 -7.62
C TRP A 34 -4.14 -5.68 -8.54
N ALA A 35 -4.30 -6.92 -8.08
CA ALA A 35 -5.06 -7.89 -8.84
C ALA A 35 -6.52 -7.47 -8.90
N SER A 36 -6.98 -6.87 -7.82
CA SER A 36 -8.35 -6.41 -7.73
C SER A 36 -8.59 -5.29 -8.74
N GLY A 37 -7.55 -4.49 -8.95
CA GLY A 37 -7.65 -3.38 -9.89
C GLY A 37 -7.62 -3.89 -11.33
N LEU A 38 -6.65 -4.75 -11.61
CA LEU A 38 -6.51 -5.31 -12.95
C LEU A 38 -7.82 -5.99 -13.36
N ALA A 39 -8.30 -6.85 -12.47
CA ALA A 39 -9.54 -7.57 -12.72
C ALA A 39 -10.68 -6.57 -12.80
N GLY A 40 -10.50 -5.44 -12.15
CA GLY A 40 -11.51 -4.40 -12.14
C GLY A 40 -11.56 -3.66 -13.48
N MET A 41 -11.87 -4.42 -14.53
CA MET A 41 -11.95 -3.85 -15.86
C MET A 41 -10.74 -2.96 -16.15
N ALA A 1 1.84 7.54 14.25
CA ALA A 1 3.21 8.01 14.37
C ALA A 1 4.13 6.80 14.51
N ARG A 2 4.41 6.17 13.38
CA ARG A 2 5.28 5.00 13.37
C ARG A 2 6.75 5.43 13.39
N SER A 3 7.22 5.89 12.24
CA SER A 3 8.61 6.33 12.11
C SER A 3 9.52 5.14 11.86
N TYR A 4 9.57 4.72 10.61
CA TYR A 4 10.40 3.59 10.23
C TYR A 4 11.47 4.02 9.23
N GLY A 5 11.01 4.57 8.12
CA GLY A 5 11.92 5.02 7.08
C GLY A 5 11.51 6.40 6.55
N ASN A 6 11.72 6.59 5.25
CA ASN A 6 11.37 7.84 4.61
C ASN A 6 9.87 7.85 4.29
N GLY A 7 9.08 7.93 5.34
CA GLY A 7 7.63 7.95 5.19
C GLY A 7 7.04 6.56 5.42
N VAL A 8 5.96 6.54 6.20
CA VAL A 8 5.29 5.29 6.52
C VAL A 8 3.84 5.57 6.90
N TYR A 9 3.65 5.91 8.17
CA TYR A 9 2.32 6.21 8.68
C TYR A 9 1.51 7.00 7.65
N CYS A 10 2.19 7.96 7.03
CA CYS A 10 1.55 8.80 6.03
C CYS A 10 2.63 9.34 5.09
N ASN A 11 2.26 9.49 3.83
CA ASN A 11 3.18 10.00 2.82
C ASN A 11 3.69 11.37 3.26
N ASN A 12 2.76 12.31 3.31
CA ASN A 12 3.10 13.67 3.70
C ASN A 12 1.81 14.46 3.96
N LYS A 13 1.04 14.63 2.90
CA LYS A 13 -0.21 15.36 2.99
C LYS A 13 -1.37 14.37 3.13
N LYS A 14 -1.17 13.19 2.56
CA LYS A 14 -2.17 12.16 2.62
C LYS A 14 -1.96 11.31 3.87
N CYS A 15 -2.37 10.05 3.78
CA CYS A 15 -2.24 9.13 4.89
C CYS A 15 -2.57 7.72 4.40
N TRP A 16 -1.62 6.81 4.61
CA TRP A 16 -1.80 5.44 4.19
C TRP A 16 -1.22 4.54 5.29
N VAL A 17 -1.09 3.26 4.94
CA VAL A 17 -0.56 2.29 5.88
C VAL A 17 0.62 1.55 5.24
N ASN A 18 1.77 1.68 5.88
CA ASN A 18 2.97 1.03 5.38
C ASN A 18 3.30 1.57 3.99
N ARG A 19 4.39 2.32 3.91
CA ARG A 19 4.82 2.89 2.64
C ARG A 19 5.01 1.79 1.60
N GLY A 20 5.32 0.60 2.09
CA GLY A 20 5.53 -0.54 1.20
C GLY A 20 4.38 -0.69 0.22
N GLU A 21 3.29 -1.28 0.71
CA GLU A 21 2.12 -1.49 -0.11
C GLU A 21 1.72 -0.19 -0.82
N ALA A 22 1.94 0.92 -0.12
CA ALA A 22 1.61 2.23 -0.66
C ALA A 22 2.35 2.42 -1.99
N THR A 23 3.64 2.13 -1.96
CA THR A 23 4.46 2.26 -3.14
C THR A 23 4.03 1.27 -4.22
N GLN A 24 3.76 0.05 -3.77
CA GLN A 24 3.32 -1.00 -4.69
C GLN A 24 2.18 -0.49 -5.57
N SER A 25 1.07 -0.15 -4.91
CA SER A 25 -0.09 0.34 -5.62
C SER A 25 -0.55 1.67 -5.01
N ILE A 26 -0.94 2.59 -5.89
CA ILE A 26 -1.39 3.89 -5.47
C ILE A 26 -2.74 3.76 -4.76
N ILE A 27 -3.65 3.06 -5.42
CA ILE A 27 -4.97 2.85 -4.88
C ILE A 27 -4.89 1.88 -3.70
N GLY A 28 -3.99 0.90 -3.85
CA GLY A 28 -3.81 -0.09 -2.81
C GLY A 28 -4.74 -1.29 -3.03
N GLY A 29 -5.85 -1.02 -3.69
CA GLY A 29 -6.83 -2.05 -3.97
C GLY A 29 -6.35 -3.00 -5.08
N MET A 30 -5.28 -2.56 -5.74
CA MET A 30 -4.70 -3.35 -6.81
C MET A 30 -4.35 -4.76 -6.34
N ILE A 31 -3.91 -4.84 -5.10
CA ILE A 31 -3.53 -6.11 -4.52
C ILE A 31 -4.70 -7.09 -4.65
N SER A 32 -5.85 -6.66 -4.15
CA SER A 32 -7.04 -7.48 -4.21
C SER A 32 -7.19 -8.10 -5.60
N GLY A 33 -6.96 -7.28 -6.61
CA GLY A 33 -7.05 -7.74 -7.99
C GLY A 33 -6.00 -8.80 -8.28
N TRP A 34 -4.81 -8.57 -7.77
CA TRP A 34 -3.71 -9.50 -7.97
C TRP A 34 -4.15 -10.88 -7.46
N ALA A 35 -4.57 -10.90 -6.20
CA ALA A 35 -5.03 -12.14 -5.58
C ALA A 35 -6.25 -12.66 -6.36
N SER A 36 -7.07 -11.73 -6.81
CA SER A 36 -8.26 -12.10 -7.56
C SER A 36 -7.87 -12.88 -8.82
N GLY A 37 -6.76 -12.47 -9.41
CA GLY A 37 -6.27 -13.13 -10.61
C GLY A 37 -5.68 -14.50 -10.28
N LEU A 38 -4.86 -14.53 -9.25
CA LEU A 38 -4.23 -15.76 -8.82
C LEU A 38 -5.30 -16.78 -8.45
N ALA A 39 -6.21 -16.34 -7.59
CA ALA A 39 -7.29 -17.20 -7.14
C ALA A 39 -8.21 -17.51 -8.32
N GLY A 40 -8.21 -16.61 -9.29
CA GLY A 40 -9.03 -16.78 -10.48
C GLY A 40 -8.47 -17.87 -11.39
N MET A 41 -8.60 -19.11 -10.93
CA MET A 41 -8.12 -20.25 -11.69
C MET A 41 -9.19 -20.79 -12.63
N ALA A 1 6.97 14.60 -4.82
CA ALA A 1 6.07 14.32 -3.71
C ALA A 1 6.02 12.81 -3.45
N ARG A 2 6.44 12.43 -2.26
CA ARG A 2 6.44 11.03 -1.88
C ARG A 2 5.03 10.57 -1.50
N SER A 3 4.85 9.26 -1.49
CA SER A 3 3.56 8.69 -1.15
C SER A 3 3.51 7.22 -1.58
N TYR A 4 4.03 6.96 -2.76
CA TYR A 4 4.06 5.62 -3.30
C TYR A 4 2.78 4.86 -2.93
N GLY A 5 1.69 5.61 -2.81
CA GLY A 5 0.41 5.03 -2.47
C GLY A 5 0.34 4.70 -0.98
N ASN A 6 -0.85 4.90 -0.42
CA ASN A 6 -1.06 4.63 1.00
C ASN A 6 -0.37 5.72 1.83
N GLY A 7 0.95 5.72 1.76
CA GLY A 7 1.73 6.70 2.50
C GLY A 7 3.13 6.15 2.82
N VAL A 8 4.11 6.69 2.13
CA VAL A 8 5.49 6.26 2.35
C VAL A 8 6.16 7.21 3.34
N TYR A 9 5.88 8.50 3.18
CA TYR A 9 6.45 9.50 4.06
C TYR A 9 6.56 8.98 5.49
N CYS A 10 5.49 8.33 5.94
CA CYS A 10 5.44 7.79 7.28
C CYS A 10 5.68 8.94 8.28
N ASN A 11 5.32 8.68 9.53
CA ASN A 11 5.49 9.67 10.58
C ASN A 11 6.68 9.28 11.45
N ASN A 12 6.41 8.36 12.37
CA ASN A 12 7.44 7.89 13.28
C ASN A 12 6.96 6.62 13.99
N LYS A 13 6.11 6.83 14.98
CA LYS A 13 5.56 5.72 15.74
C LYS A 13 4.22 5.30 15.13
N LYS A 14 3.49 6.30 14.65
CA LYS A 14 2.19 6.04 14.05
C LYS A 14 2.38 5.32 12.71
N CYS A 15 3.16 5.96 11.84
CA CYS A 15 3.42 5.39 10.53
C CYS A 15 2.10 4.90 9.94
N TRP A 16 1.02 5.54 10.37
CA TRP A 16 -0.30 5.19 9.90
C TRP A 16 -0.59 3.75 10.33
N VAL A 17 -1.11 3.63 11.54
CA VAL A 17 -1.44 2.32 12.09
C VAL A 17 -2.06 1.46 11.00
N ASN A 18 -3.16 1.96 10.45
CA ASN A 18 -3.86 1.25 9.39
C ASN A 18 -4.36 2.24 8.35
N ARG A 19 -3.98 2.01 7.11
CA ARG A 19 -4.38 2.88 6.03
C ARG A 19 -5.42 2.18 5.14
N GLY A 20 -5.06 0.98 4.70
CA GLY A 20 -5.95 0.20 3.85
C GLY A 20 -5.39 -1.20 3.62
N GLU A 21 -5.38 -1.61 2.36
CA GLU A 21 -4.87 -2.92 1.99
C GLU A 21 -3.34 -2.94 2.08
N ALA A 22 -2.76 -1.76 2.18
CA ALA A 22 -1.32 -1.62 2.27
C ALA A 22 -0.83 -2.44 3.47
N THR A 23 -1.44 -2.19 4.62
CA THR A 23 -1.06 -2.88 5.83
C THR A 23 -1.55 -4.33 5.79
N GLN A 24 -2.73 -4.51 5.23
CA GLN A 24 -3.33 -5.83 5.12
C GLN A 24 -2.30 -6.83 4.58
N SER A 25 -1.78 -6.50 3.40
CA SER A 25 -0.79 -7.36 2.76
C SER A 25 0.59 -6.71 2.86
N ILE A 26 1.55 -7.51 3.32
CA ILE A 26 2.92 -7.04 3.45
C ILE A 26 3.53 -6.83 2.08
N ILE A 27 3.18 -7.72 1.16
CA ILE A 27 3.68 -7.64 -0.20
C ILE A 27 3.30 -6.28 -0.80
N GLY A 28 2.12 -5.82 -0.43
CA GLY A 28 1.63 -4.55 -0.92
C GLY A 28 0.17 -4.66 -1.39
N GLY A 29 -0.66 -3.77 -0.87
CA GLY A 29 -2.07 -3.77 -1.22
C GLY A 29 -2.27 -3.21 -2.63
N MET A 30 -1.67 -2.05 -2.86
CA MET A 30 -1.77 -1.41 -4.16
C MET A 30 -1.27 -2.32 -5.27
N ILE A 31 -0.06 -2.83 -5.08
CA ILE A 31 0.55 -3.71 -6.05
C ILE A 31 -0.39 -4.88 -6.34
N SER A 32 -0.78 -5.55 -5.26
CA SER A 32 -1.68 -6.69 -5.39
C SER A 32 -2.80 -6.37 -6.39
N GLY A 33 -3.22 -5.11 -6.38
CA GLY A 33 -4.28 -4.67 -7.27
C GLY A 33 -3.77 -4.57 -8.71
N TRP A 34 -2.54 -4.08 -8.85
CA TRP A 34 -1.94 -3.93 -10.15
C TRP A 34 -1.89 -5.32 -10.81
N ALA A 35 -1.25 -6.24 -10.11
CA ALA A 35 -1.12 -7.60 -10.61
C ALA A 35 -2.51 -8.19 -10.83
N SER A 36 -3.41 -7.85 -9.92
CA SER A 36 -4.78 -8.34 -10.00
C SER A 36 -5.41 -7.91 -11.32
N GLY A 37 -5.06 -6.71 -11.75
CA GLY A 37 -5.58 -6.17 -13.00
C GLY A 37 -4.93 -6.86 -14.21
N LEU A 38 -3.61 -6.97 -14.14
CA LEU A 38 -2.85 -7.60 -15.22
C LEU A 38 -3.32 -9.05 -15.37
N ALA A 39 -3.33 -9.75 -14.26
CA ALA A 39 -3.75 -11.15 -14.26
C ALA A 39 -5.24 -11.23 -14.62
N GLY A 40 -5.94 -10.16 -14.32
CA GLY A 40 -7.36 -10.10 -14.62
C GLY A 40 -7.61 -9.80 -16.10
N MET A 41 -7.15 -10.71 -16.93
CA MET A 41 -7.31 -10.56 -18.37
C MET A 41 -8.79 -10.48 -18.76
N ALA A 1 13.63 13.66 -1.66
CA ALA A 1 12.29 13.21 -2.02
C ALA A 1 11.34 13.53 -0.86
N ARG A 2 10.06 13.28 -1.10
CA ARG A 2 9.04 13.54 -0.10
C ARG A 2 9.10 12.48 1.01
N SER A 3 8.34 12.71 2.06
CA SER A 3 8.30 11.79 3.18
C SER A 3 7.62 12.46 4.38
N TYR A 4 8.34 13.40 4.98
CA TYR A 4 7.83 14.12 6.13
C TYR A 4 7.05 13.18 7.06
N GLY A 5 7.58 11.97 7.19
CA GLY A 5 6.96 10.97 8.05
C GLY A 5 6.60 9.72 7.25
N ASN A 6 5.60 9.01 7.74
CA ASN A 6 5.16 7.78 7.09
C ASN A 6 4.04 8.11 6.09
N GLY A 7 3.22 9.08 6.48
CA GLY A 7 2.12 9.50 5.63
C GLY A 7 2.53 10.66 4.72
N VAL A 8 1.70 11.68 4.70
CA VAL A 8 1.97 12.84 3.87
C VAL A 8 1.80 12.48 2.40
N TYR A 9 2.63 11.54 1.96
CA TYR A 9 2.58 11.08 0.58
C TYR A 9 1.68 9.85 0.44
N CYS A 10 1.84 8.93 1.37
CA CYS A 10 1.05 7.71 1.36
C CYS A 10 1.08 7.13 -0.05
N ASN A 11 0.26 6.10 -0.25
CA ASN A 11 0.18 5.46 -1.55
C ASN A 11 -1.12 5.85 -2.24
N ASN A 12 -2.22 5.35 -1.69
CA ASN A 12 -3.53 5.65 -2.24
C ASN A 12 -4.59 5.42 -1.17
N LYS A 13 -4.80 4.15 -0.84
CA LYS A 13 -5.78 3.79 0.16
C LYS A 13 -5.08 3.55 1.49
N LYS A 14 -3.82 3.14 1.40
CA LYS A 14 -3.03 2.87 2.59
C LYS A 14 -2.46 4.19 3.12
N CYS A 15 -1.29 4.09 3.72
CA CYS A 15 -0.62 5.26 4.27
C CYS A 15 0.56 4.80 5.10
N TRP A 16 1.29 3.84 4.56
CA TRP A 16 2.45 3.30 5.24
C TRP A 16 2.03 2.92 6.67
N VAL A 17 3.01 2.45 7.43
CA VAL A 17 2.75 2.06 8.81
C VAL A 17 1.99 0.73 8.82
N ASN A 18 2.04 0.06 7.68
CA ASN A 18 1.37 -1.23 7.54
C ASN A 18 1.71 -1.84 6.18
N ARG A 19 2.99 -1.77 5.85
CA ARG A 19 3.46 -2.31 4.58
C ARG A 19 3.76 -3.81 4.72
N GLY A 20 4.64 -4.11 5.67
CA GLY A 20 5.02 -5.49 5.91
C GLY A 20 3.80 -6.35 6.22
N GLU A 21 3.07 -5.94 7.24
CA GLU A 21 1.87 -6.66 7.64
C GLU A 21 0.97 -6.92 6.44
N ALA A 22 1.02 -6.00 5.49
CA ALA A 22 0.22 -6.12 4.29
C ALA A 22 0.59 -7.40 3.55
N THR A 23 1.88 -7.57 3.33
CA THR A 23 2.38 -8.75 2.64
C THR A 23 2.28 -9.98 3.55
N GLN A 24 2.26 -9.72 4.85
CA GLN A 24 2.15 -10.78 5.83
C GLN A 24 0.83 -11.54 5.67
N SER A 25 -0.25 -10.77 5.69
CA SER A 25 -1.58 -11.34 5.54
C SER A 25 -1.63 -12.25 4.31
N ILE A 26 -2.25 -13.41 4.49
CA ILE A 26 -2.36 -14.37 3.40
C ILE A 26 -3.04 -13.70 2.21
N ILE A 27 -4.09 -12.95 2.50
CA ILE A 27 -4.83 -12.24 1.47
C ILE A 27 -3.90 -11.26 0.76
N GLY A 28 -3.00 -10.68 1.54
CA GLY A 28 -2.05 -9.72 1.01
C GLY A 28 -2.73 -8.39 0.68
N GLY A 29 -2.44 -7.40 1.52
CA GLY A 29 -3.03 -6.08 1.35
C GLY A 29 -2.38 -5.34 0.17
N MET A 30 -1.05 -5.36 0.17
CA MET A 30 -0.29 -4.70 -0.88
C MET A 30 -0.61 -5.33 -2.25
N ILE A 31 -0.55 -6.64 -2.30
CA ILE A 31 -0.82 -7.36 -3.53
C ILE A 31 -2.20 -6.96 -4.05
N SER A 32 -3.19 -7.11 -3.19
CA SER A 32 -4.55 -6.77 -3.55
C SER A 32 -4.57 -5.44 -4.32
N GLY A 33 -3.71 -4.54 -3.89
CA GLY A 33 -3.62 -3.24 -4.53
C GLY A 33 -3.00 -3.35 -5.92
N TRP A 34 -1.99 -4.19 -6.02
CA TRP A 34 -1.32 -4.40 -7.29
C TRP A 34 -2.36 -4.84 -8.32
N ALA A 35 -3.12 -5.86 -7.94
CA ALA A 35 -4.16 -6.40 -8.82
C ALA A 35 -5.22 -5.32 -9.04
N SER A 36 -5.47 -4.54 -7.99
CA SER A 36 -6.46 -3.49 -8.06
C SER A 36 -6.07 -2.48 -9.13
N GLY A 37 -4.77 -2.26 -9.25
CA GLY A 37 -4.25 -1.31 -10.23
C GLY A 37 -4.33 -1.90 -11.65
N LEU A 38 -3.87 -3.13 -11.76
CA LEU A 38 -3.88 -3.81 -13.05
C LEU A 38 -5.31 -3.84 -13.60
N ALA A 39 -6.22 -4.29 -12.74
CA ALA A 39 -7.62 -4.38 -13.12
C ALA A 39 -8.17 -2.97 -13.33
N GLY A 40 -7.55 -2.01 -12.65
CA GLY A 40 -7.96 -0.63 -12.76
C GLY A 40 -7.53 -0.02 -14.09
N MET A 41 -8.10 -0.55 -15.16
CA MET A 41 -7.77 -0.07 -16.49
C MET A 41 -8.09 1.42 -16.63
N ALA A 1 1.13 18.92 4.69
CA ALA A 1 2.37 18.18 4.88
C ALA A 1 2.22 17.24 6.08
N ARG A 2 2.81 16.06 5.94
CA ARG A 2 2.75 15.08 7.01
C ARG A 2 4.09 14.36 7.13
N SER A 3 4.10 13.35 7.99
CA SER A 3 5.31 12.57 8.22
C SER A 3 5.20 11.78 9.52
N TYR A 4 4.63 10.59 9.42
CA TYR A 4 4.45 9.74 10.57
C TYR A 4 4.77 8.28 10.25
N GLY A 5 6.05 8.01 10.08
CA GLY A 5 6.50 6.67 9.75
C GLY A 5 6.90 6.56 8.29
N ASN A 6 6.03 5.92 7.52
CA ASN A 6 6.29 5.74 6.10
C ASN A 6 5.05 6.21 5.30
N GLY A 7 3.89 5.79 5.78
CA GLY A 7 2.65 6.16 5.12
C GLY A 7 2.15 7.52 5.62
N VAL A 8 0.87 7.56 5.94
CA VAL A 8 0.26 8.79 6.42
C VAL A 8 0.22 9.82 5.29
N TYR A 9 1.40 10.28 4.90
CA TYR A 9 1.51 11.26 3.84
C TYR A 9 1.52 10.58 2.47
N CYS A 10 2.32 9.52 2.38
CA CYS A 10 2.43 8.77 1.13
C CYS A 10 2.96 9.72 0.05
N ASN A 11 3.60 9.13 -0.95
CA ASN A 11 4.14 9.90 -2.05
C ASN A 11 3.00 10.41 -2.94
N ASN A 12 3.35 10.79 -4.15
CA ASN A 12 2.36 11.29 -5.09
C ASN A 12 1.91 10.14 -6.00
N LYS A 13 2.81 9.72 -6.88
CA LYS A 13 2.51 8.64 -7.80
C LYS A 13 2.55 7.31 -7.05
N LYS A 14 3.48 7.23 -6.11
CA LYS A 14 3.64 6.01 -5.32
C LYS A 14 2.51 5.95 -4.29
N CYS A 15 2.57 6.87 -3.34
CA CYS A 15 1.57 6.93 -2.29
C CYS A 15 1.49 5.55 -1.63
N TRP A 16 2.37 5.34 -0.66
CA TRP A 16 2.40 4.08 0.05
C TRP A 16 1.77 4.30 1.42
N VAL A 17 1.58 3.19 2.13
CA VAL A 17 0.99 3.24 3.45
C VAL A 17 1.81 2.38 4.41
N ASN A 18 1.82 1.09 4.13
CA ASN A 18 2.57 0.15 4.95
C ASN A 18 2.90 -1.10 4.14
N ARG A 19 4.08 -1.07 3.52
CA ARG A 19 4.52 -2.19 2.70
C ARG A 19 5.17 -3.27 3.59
N GLY A 20 5.07 -3.06 4.88
CA GLY A 20 5.62 -4.00 5.84
C GLY A 20 4.75 -5.24 5.97
N GLU A 21 3.59 -5.05 6.57
CA GLU A 21 2.65 -6.14 6.77
C GLU A 21 2.38 -6.85 5.44
N ALA A 22 2.50 -6.09 4.36
CA ALA A 22 2.28 -6.63 3.03
C ALA A 22 3.18 -7.85 2.82
N THR A 23 4.46 -7.64 3.10
CA THR A 23 5.43 -8.71 2.93
C THR A 23 5.26 -9.76 4.04
N GLN A 24 5.12 -9.28 5.26
CA GLN A 24 4.94 -10.15 6.40
C GLN A 24 3.99 -11.29 6.05
N SER A 25 2.79 -10.92 5.63
CA SER A 25 1.79 -11.90 5.25
C SER A 25 1.90 -12.22 3.75
N ILE A 26 1.66 -13.49 3.44
CA ILE A 26 1.73 -13.94 2.06
C ILE A 26 0.56 -13.34 1.27
N ILE A 27 -0.59 -13.33 1.92
CA ILE A 27 -1.79 -12.79 1.30
C ILE A 27 -1.51 -11.37 0.80
N GLY A 28 -0.67 -10.67 1.55
CA GLY A 28 -0.31 -9.31 1.19
C GLY A 28 -0.16 -9.15 -0.33
N GLY A 29 0.34 -10.21 -0.95
CA GLY A 29 0.53 -10.21 -2.38
C GLY A 29 -0.80 -10.35 -3.13
N MET A 30 -1.59 -11.31 -2.67
CA MET A 30 -2.89 -11.56 -3.28
C MET A 30 -3.82 -10.36 -3.08
N ILE A 31 -3.90 -9.91 -1.83
CA ILE A 31 -4.74 -8.78 -1.49
C ILE A 31 -4.38 -7.59 -2.38
N SER A 32 -3.10 -7.25 -2.37
CA SER A 32 -2.61 -6.14 -3.17
C SER A 32 -3.23 -6.19 -4.57
N GLY A 33 -3.39 -7.41 -5.07
CA GLY A 33 -3.97 -7.60 -6.38
C GLY A 33 -5.48 -7.28 -6.38
N TRP A 34 -6.13 -7.68 -5.30
CA TRP A 34 -7.55 -7.44 -5.16
C TRP A 34 -7.79 -5.93 -5.25
N ALA A 35 -7.07 -5.19 -4.42
CA ALA A 35 -7.19 -3.74 -4.40
C ALA A 35 -6.78 -3.18 -5.77
N SER A 36 -5.79 -3.82 -6.35
CA SER A 36 -5.28 -3.40 -7.65
C SER A 36 -6.33 -3.69 -8.73
N GLY A 37 -7.06 -4.78 -8.52
CA GLY A 37 -8.09 -5.17 -9.47
C GLY A 37 -9.24 -4.17 -9.48
N LEU A 38 -9.78 -3.93 -8.29
CA LEU A 38 -10.89 -3.00 -8.14
C LEU A 38 -10.46 -1.62 -8.68
N ALA A 39 -9.25 -1.23 -8.30
CA ALA A 39 -8.71 0.06 -8.73
C ALA A 39 -8.65 0.09 -10.26
N GLY A 40 -8.39 -1.08 -10.84
CA GLY A 40 -8.31 -1.19 -12.28
C GLY A 40 -9.68 -1.01 -12.94
N MET A 41 -10.13 0.24 -12.95
CA MET A 41 -11.41 0.56 -13.54
C MET A 41 -11.67 -0.27 -14.79
N ALA A 1 1.96 20.16 9.93
CA ALA A 1 2.87 19.58 8.96
C ALA A 1 2.78 18.06 9.00
N ARG A 2 2.13 17.51 7.99
CA ARG A 2 1.96 16.07 7.90
C ARG A 2 3.25 15.35 8.30
N SER A 3 3.08 14.25 9.00
CA SER A 3 4.22 13.45 9.45
C SER A 3 3.74 12.29 10.32
N TYR A 4 3.43 12.61 11.56
CA TYR A 4 2.96 11.60 12.49
C TYR A 4 3.97 10.45 12.61
N GLY A 5 4.66 10.43 13.75
CA GLY A 5 5.65 9.39 13.99
C GLY A 5 6.83 9.51 13.03
N ASN A 6 6.66 8.92 11.85
CA ASN A 6 7.69 8.96 10.84
C ASN A 6 7.11 8.50 9.51
N GLY A 7 6.30 9.35 8.92
CA GLY A 7 5.67 9.05 7.64
C GLY A 7 4.22 8.59 7.84
N VAL A 8 3.37 9.02 6.93
CA VAL A 8 1.96 8.67 6.99
C VAL A 8 1.33 8.87 5.62
N TYR A 9 1.65 10.00 5.02
CA TYR A 9 1.12 10.33 3.70
C TYR A 9 2.00 9.74 2.60
N CYS A 10 3.30 9.91 2.76
CA CYS A 10 4.25 9.41 1.78
C CYS A 10 5.66 9.78 2.25
N ASN A 11 6.63 9.08 1.69
CA ASN A 11 8.02 9.31 2.03
C ASN A 11 8.64 10.31 1.05
N ASN A 12 9.75 10.89 1.45
CA ASN A 12 10.45 11.86 0.61
C ASN A 12 10.41 11.38 -0.84
N LYS A 13 11.17 10.33 -1.10
CA LYS A 13 11.23 9.76 -2.44
C LYS A 13 10.29 8.56 -2.53
N LYS A 14 10.40 7.67 -1.54
CA LYS A 14 9.58 6.49 -1.50
C LYS A 14 8.11 6.90 -1.25
N CYS A 15 7.27 5.89 -1.10
CA CYS A 15 5.86 6.14 -0.87
C CYS A 15 5.25 4.87 -0.24
N TRP A 16 5.38 4.77 1.08
CA TRP A 16 4.86 3.63 1.79
C TRP A 16 3.47 3.32 1.25
N VAL A 17 2.63 4.35 1.23
CA VAL A 17 1.27 4.20 0.74
C VAL A 17 0.50 3.22 1.63
N ASN A 18 0.74 1.94 1.38
CA ASN A 18 0.09 0.90 2.16
C ASN A 18 1.12 -0.16 2.55
N ARG A 19 1.59 -0.05 3.78
CA ARG A 19 2.57 -0.98 4.29
C ARG A 19 1.89 -2.30 4.70
N GLY A 20 0.78 -2.15 5.41
CA GLY A 20 0.02 -3.31 5.86
C GLY A 20 0.04 -4.42 4.81
N GLU A 21 -0.70 -4.18 3.73
CA GLU A 21 -0.78 -5.15 2.65
C GLU A 21 0.62 -5.59 2.22
N ALA A 22 1.53 -4.63 2.21
CA ALA A 22 2.90 -4.91 1.83
C ALA A 22 3.50 -5.94 2.78
N THR A 23 3.31 -5.68 4.07
CA THR A 23 3.82 -6.57 5.10
C THR A 23 3.30 -7.99 4.87
N GLN A 24 2.01 -8.15 5.07
CA GLN A 24 1.37 -9.44 4.90
C GLN A 24 1.88 -10.12 3.62
N SER A 25 2.00 -9.31 2.58
CA SER A 25 2.46 -9.81 1.30
C SER A 25 3.16 -8.70 0.52
N ILE A 26 4.35 -9.01 0.02
CA ILE A 26 5.13 -8.05 -0.74
C ILE A 26 4.44 -7.78 -2.08
N ILE A 27 3.96 -8.87 -2.68
CA ILE A 27 3.28 -8.76 -3.97
C ILE A 27 2.13 -7.77 -3.85
N GLY A 28 1.54 -7.72 -2.66
CA GLY A 28 0.43 -6.82 -2.41
C GLY A 28 -0.88 -7.59 -2.29
N GLY A 29 -1.42 -7.62 -1.08
CA GLY A 29 -2.67 -8.31 -0.82
C GLY A 29 -3.85 -7.54 -1.39
N MET A 30 -3.87 -6.24 -1.08
CA MET A 30 -4.94 -5.38 -1.56
C MET A 30 -5.03 -5.39 -3.08
N ILE A 31 -3.87 -5.17 -3.70
CA ILE A 31 -3.80 -5.15 -5.15
C ILE A 31 -4.37 -6.46 -5.71
N SER A 32 -3.83 -7.56 -5.23
CA SER A 32 -4.27 -8.87 -5.67
C SER A 32 -5.80 -8.91 -5.73
N GLY A 33 -6.42 -8.21 -4.78
CA GLY A 33 -7.87 -8.16 -4.72
C GLY A 33 -8.43 -7.29 -5.83
N TRP A 34 -7.74 -6.18 -6.09
CA TRP A 34 -8.16 -5.26 -7.12
C TRP A 34 -8.19 -6.03 -8.45
N ALA A 35 -7.04 -6.58 -8.81
CA ALA A 35 -6.92 -7.33 -10.04
C ALA A 35 -7.92 -8.48 -10.03
N SER A 36 -8.07 -9.09 -8.86
CA SER A 36 -9.00 -10.20 -8.70
C SER A 36 -10.41 -9.76 -9.08
N GLY A 37 -10.73 -8.53 -8.73
CA GLY A 37 -12.04 -7.98 -9.03
C GLY A 37 -12.20 -7.72 -10.53
N LEU A 38 -11.21 -7.03 -11.08
CA LEU A 38 -11.22 -6.71 -12.50
C LEU A 38 -11.32 -8.00 -13.31
N ALA A 39 -10.44 -8.93 -13.00
CA ALA A 39 -10.41 -10.20 -13.68
C ALA A 39 -11.72 -10.95 -13.42
N GLY A 40 -12.32 -10.64 -12.28
CA GLY A 40 -13.57 -11.27 -11.89
C GLY A 40 -14.75 -10.66 -12.64
N MET A 41 -14.68 -10.74 -13.96
CA MET A 41 -15.73 -10.21 -14.80
C MET A 41 -16.05 -8.75 -14.41
N ALA A 1 -2.33 16.30 8.31
CA ALA A 1 -1.77 15.20 9.09
C ALA A 1 -2.61 13.94 8.85
N ARG A 2 -1.92 12.86 8.52
CA ARG A 2 -2.58 11.60 8.27
C ARG A 2 -1.61 10.44 8.46
N SER A 3 -2.06 9.25 8.09
CA SER A 3 -1.24 8.06 8.22
C SER A 3 -1.91 6.89 7.50
N TYR A 4 -3.19 6.72 7.77
CA TYR A 4 -3.95 5.64 7.16
C TYR A 4 -3.11 4.37 7.03
N GLY A 5 -3.14 3.57 8.09
CA GLY A 5 -2.38 2.33 8.10
C GLY A 5 -0.96 2.55 7.56
N ASN A 6 -0.80 2.30 6.28
CA ASN A 6 0.49 2.47 5.64
C ASN A 6 0.29 2.77 4.15
N GLY A 7 0.93 3.83 3.69
CA GLY A 7 0.82 4.23 2.31
C GLY A 7 -0.10 5.44 2.15
N VAL A 8 0.31 6.56 2.73
CA VAL A 8 -0.47 7.77 2.66
C VAL A 8 0.41 8.96 3.04
N TYR A 9 1.19 8.77 4.09
CA TYR A 9 2.09 9.81 4.56
C TYR A 9 2.68 10.60 3.40
N CYS A 10 3.13 9.86 2.40
CA CYS A 10 3.73 10.47 1.22
C CYS A 10 4.99 11.22 1.65
N ASN A 11 6.00 11.14 0.81
CA ASN A 11 7.27 11.80 1.09
C ASN A 11 7.50 12.91 0.05
N ASN A 12 8.08 12.52 -1.06
CA ASN A 12 8.37 13.47 -2.13
C ASN A 12 8.53 12.71 -3.45
N LYS A 13 9.74 12.24 -3.68
CA LYS A 13 10.04 11.49 -4.89
C LYS A 13 8.93 10.46 -5.14
N LYS A 14 8.39 9.95 -4.05
CA LYS A 14 7.32 8.96 -4.13
C LYS A 14 6.42 9.08 -2.90
N CYS A 15 5.35 8.31 -2.92
CA CYS A 15 4.40 8.32 -1.81
C CYS A 15 4.82 7.23 -0.82
N TRP A 16 4.52 5.99 -1.18
CA TRP A 16 4.85 4.85 -0.34
C TRP A 16 4.09 3.63 -0.87
N VAL A 17 4.46 3.23 -2.07
CA VAL A 17 3.82 2.08 -2.70
C VAL A 17 3.80 0.91 -1.71
N ASN A 18 4.95 0.68 -1.09
CA ASN A 18 5.08 -0.40 -0.12
C ASN A 18 6.04 0.03 0.98
N ARG A 19 5.79 -0.48 2.18
CA ARG A 19 6.64 -0.16 3.32
C ARG A 19 7.52 -1.36 3.67
N GLY A 20 6.87 -2.49 3.92
CA GLY A 20 7.58 -3.71 4.27
C GLY A 20 6.65 -4.70 4.96
N GLU A 21 6.13 -4.28 6.11
CA GLU A 21 5.22 -5.12 6.88
C GLU A 21 4.12 -5.67 5.99
N ALA A 22 3.65 -4.82 5.09
CA ALA A 22 2.58 -5.20 4.17
C ALA A 22 3.01 -6.45 3.40
N THR A 23 4.20 -6.37 2.83
CA THR A 23 4.74 -7.48 2.06
C THR A 23 4.88 -8.71 2.94
N GLN A 24 5.55 -8.52 4.07
CA GLN A 24 5.77 -9.61 5.01
C GLN A 24 4.49 -10.44 5.16
N SER A 25 3.42 -9.75 5.53
CA SER A 25 2.13 -10.39 5.71
C SER A 25 1.79 -11.25 4.48
N ILE A 26 1.41 -12.49 4.75
CA ILE A 26 1.06 -13.41 3.69
C ILE A 26 -0.22 -12.92 3.00
N ILE A 27 -1.14 -12.43 3.82
CA ILE A 27 -2.40 -11.93 3.30
C ILE A 27 -2.14 -10.86 2.25
N GLY A 28 -1.08 -10.09 2.48
CA GLY A 28 -0.71 -9.03 1.56
C GLY A 28 -1.85 -8.01 1.41
N GLY A 29 -1.77 -6.97 2.21
CA GLY A 29 -2.78 -5.93 2.18
C GLY A 29 -2.61 -5.04 0.93
N MET A 30 -1.42 -4.48 0.80
CA MET A 30 -1.12 -3.62 -0.33
C MET A 30 -1.37 -4.35 -1.65
N ILE A 31 -0.76 -5.53 -1.76
CA ILE A 31 -0.90 -6.33 -2.95
C ILE A 31 -2.37 -6.55 -3.25
N SER A 32 -3.09 -7.07 -2.25
CA SER A 32 -4.50 -7.32 -2.39
C SER A 32 -5.19 -6.14 -3.07
N GLY A 33 -4.71 -4.95 -2.73
CA GLY A 33 -5.26 -3.73 -3.30
C GLY A 33 -4.83 -3.56 -4.75
N TRP A 34 -3.61 -3.97 -5.03
CA TRP A 34 -3.07 -3.87 -6.38
C TRP A 34 -3.95 -4.70 -7.31
N ALA A 35 -4.05 -5.98 -6.98
CA ALA A 35 -4.86 -6.90 -7.78
C ALA A 35 -6.30 -6.40 -7.79
N SER A 36 -6.75 -5.93 -6.64
CA SER A 36 -8.11 -5.44 -6.51
C SER A 36 -8.32 -4.23 -7.43
N GLY A 37 -7.26 -3.45 -7.58
CA GLY A 37 -7.31 -2.27 -8.43
C GLY A 37 -7.44 -2.66 -9.90
N LEU A 38 -6.51 -3.49 -10.36
CA LEU A 38 -6.52 -3.94 -11.73
C LEU A 38 -7.78 -4.77 -11.99
N ALA A 39 -8.03 -5.71 -11.09
CA ALA A 39 -9.18 -6.57 -11.20
C ALA A 39 -10.46 -5.74 -11.01
N GLY A 40 -10.32 -4.70 -10.21
CA GLY A 40 -11.44 -3.81 -9.94
C GLY A 40 -11.81 -3.00 -11.18
N MET A 41 -12.42 -3.68 -12.14
CA MET A 41 -12.83 -3.03 -13.37
C MET A 41 -14.14 -2.27 -13.18
N ALA A 1 -0.66 16.77 14.42
CA ALA A 1 0.56 16.22 13.85
C ALA A 1 0.20 15.13 12.84
N ARG A 2 -0.10 15.56 11.63
CA ARG A 2 -0.46 14.64 10.57
C ARG A 2 0.52 13.46 10.54
N SER A 3 -0.02 12.29 10.24
CA SER A 3 0.79 11.08 10.18
C SER A 3 -0.05 9.92 9.66
N TYR A 4 -1.27 9.82 10.18
CA TYR A 4 -2.18 8.76 9.77
C TYR A 4 -1.48 7.40 9.82
N GLY A 5 -2.24 6.37 9.46
CA GLY A 5 -1.71 5.02 9.45
C GLY A 5 -0.38 4.95 8.70
N ASN A 6 -0.46 5.14 7.39
CA ASN A 6 0.73 5.11 6.56
C ASN A 6 0.32 5.39 5.10
N GLY A 7 0.59 6.61 4.67
CA GLY A 7 0.27 7.02 3.32
C GLY A 7 -0.27 8.45 3.29
N VAL A 8 0.43 9.33 3.99
CA VAL A 8 0.04 10.72 4.05
C VAL A 8 1.29 11.60 4.07
N TYR A 9 1.82 11.79 5.27
CA TYR A 9 3.02 12.60 5.44
C TYR A 9 3.99 12.40 4.27
N CYS A 10 4.18 11.12 3.92
CA CYS A 10 5.08 10.78 2.84
C CYS A 10 6.51 11.16 3.25
N ASN A 11 7.45 10.69 2.46
CA ASN A 11 8.86 10.98 2.73
C ASN A 11 9.17 12.43 2.36
N ASN A 12 8.69 12.81 1.18
CA ASN A 12 8.90 14.17 0.69
C ASN A 12 7.89 14.47 -0.41
N LYS A 13 8.26 14.09 -1.62
CA LYS A 13 7.40 14.31 -2.77
C LYS A 13 6.57 13.07 -3.03
N LYS A 14 7.25 11.93 -3.07
CA LYS A 14 6.58 10.66 -3.30
C LYS A 14 6.23 10.03 -1.96
N CYS A 15 6.29 8.70 -1.94
CA CYS A 15 5.97 7.96 -0.72
C CYS A 15 6.78 6.66 -0.73
N TRP A 16 6.22 5.66 -1.39
CA TRP A 16 6.88 4.37 -1.48
C TRP A 16 6.01 3.46 -2.35
N VAL A 17 6.34 2.17 -2.33
CA VAL A 17 5.60 1.19 -3.11
C VAL A 17 5.39 -0.07 -2.26
N ASN A 18 6.50 -0.62 -1.79
CA ASN A 18 6.46 -1.82 -0.98
C ASN A 18 7.76 -1.95 -0.18
N ARG A 19 7.62 -1.95 1.13
CA ARG A 19 8.76 -2.06 2.01
C ARG A 19 8.95 -3.51 2.47
N GLY A 20 7.89 -4.05 3.06
CA GLY A 20 7.92 -5.41 3.55
C GLY A 20 6.65 -5.74 4.33
N GLU A 21 6.33 -4.87 5.28
CA GLU A 21 5.15 -5.06 6.10
C GLU A 21 3.93 -5.32 5.22
N ALA A 22 3.78 -4.48 4.20
CA ALA A 22 2.66 -4.60 3.29
C ALA A 22 2.75 -5.94 2.56
N THR A 23 3.97 -6.28 2.18
CA THR A 23 4.20 -7.53 1.47
C THR A 23 3.95 -8.73 2.39
N GLN A 24 4.79 -8.85 3.41
CA GLN A 24 4.67 -9.93 4.37
C GLN A 24 3.22 -10.03 4.87
N SER A 25 2.56 -8.88 4.89
CA SER A 25 1.18 -8.83 5.34
C SER A 25 0.35 -9.91 4.64
N ILE A 26 -0.38 -10.67 5.44
CA ILE A 26 -1.22 -11.73 4.91
C ILE A 26 -2.38 -11.12 4.12
N ILE A 27 -2.86 -9.99 4.61
CA ILE A 27 -3.96 -9.30 3.97
C ILE A 27 -3.54 -8.88 2.56
N GLY A 28 -2.27 -8.52 2.44
CA GLY A 28 -1.72 -8.10 1.16
C GLY A 28 -2.64 -7.08 0.48
N GLY A 29 -2.28 -5.82 0.64
CA GLY A 29 -3.06 -4.73 0.06
C GLY A 29 -2.84 -4.66 -1.45
N MET A 30 -1.58 -4.73 -1.85
CA MET A 30 -1.23 -4.67 -3.25
C MET A 30 -1.85 -5.83 -4.02
N ILE A 31 -1.63 -7.03 -3.51
CA ILE A 31 -2.17 -8.23 -4.13
C ILE A 31 -3.67 -8.09 -4.30
N SER A 32 -4.34 -7.79 -3.19
CA SER A 32 -5.78 -7.63 -3.19
C SER A 32 -6.20 -6.79 -4.40
N GLY A 33 -5.35 -5.83 -4.75
CA GLY A 33 -5.63 -4.95 -5.88
C GLY A 33 -5.41 -5.69 -7.20
N TRP A 34 -4.37 -6.52 -7.21
CA TRP A 34 -4.05 -7.28 -8.41
C TRP A 34 -5.25 -8.16 -8.75
N ALA A 35 -5.61 -9.00 -7.78
CA ALA A 35 -6.73 -9.91 -7.96
C ALA A 35 -7.99 -9.09 -8.25
N SER A 36 -8.11 -7.97 -7.55
CA SER A 36 -9.26 -7.10 -7.72
C SER A 36 -9.25 -6.49 -9.13
N GLY A 37 -8.05 -6.25 -9.63
CA GLY A 37 -7.89 -5.67 -10.94
C GLY A 37 -8.32 -6.66 -12.03
N LEU A 38 -7.69 -7.83 -11.99
CA LEU A 38 -8.00 -8.88 -12.96
C LEU A 38 -9.49 -9.18 -12.92
N ALA A 39 -9.99 -9.40 -11.73
CA ALA A 39 -11.40 -9.71 -11.54
C ALA A 39 -12.23 -8.47 -11.87
N GLY A 40 -11.62 -7.31 -11.64
CA GLY A 40 -12.29 -6.05 -11.91
C GLY A 40 -12.27 -5.72 -13.40
N MET A 41 -12.97 -6.55 -14.17
CA MET A 41 -13.04 -6.36 -15.61
C MET A 41 -11.64 -6.39 -16.23
N ALA A 1 8.25 19.07 6.24
CA ALA A 1 8.43 18.02 5.25
C ALA A 1 8.55 16.67 5.95
N ARG A 2 9.63 16.53 6.71
CA ARG A 2 9.86 15.29 7.43
C ARG A 2 9.48 14.09 6.57
N SER A 3 9.27 12.97 7.25
CA SER A 3 8.90 11.74 6.55
C SER A 3 8.65 10.63 7.57
N TYR A 4 9.48 10.61 8.60
CA TYR A 4 9.37 9.60 9.64
C TYR A 4 9.04 8.23 9.04
N GLY A 5 10.10 7.52 8.67
CA GLY A 5 9.93 6.20 8.08
C GLY A 5 8.90 6.21 6.96
N ASN A 6 7.66 5.92 7.33
CA ASN A 6 6.57 5.91 6.37
C ASN A 6 5.27 6.27 7.07
N GLY A 7 4.33 6.80 6.30
CA GLY A 7 3.05 7.19 6.83
C GLY A 7 3.16 8.48 7.64
N VAL A 8 3.41 9.57 6.93
CA VAL A 8 3.54 10.87 7.57
C VAL A 8 3.35 11.97 6.52
N TYR A 9 4.37 12.13 5.69
CA TYR A 9 4.34 13.14 4.65
C TYR A 9 3.03 13.04 3.84
N CYS A 10 2.69 11.82 3.48
CA CYS A 10 1.48 11.58 2.71
C CYS A 10 1.70 12.11 1.29
N ASN A 11 1.16 11.38 0.33
CA ASN A 11 1.30 11.77 -1.07
C ASN A 11 0.45 13.01 -1.33
N ASN A 12 -0.86 12.84 -1.21
CA ASN A 12 -1.78 13.94 -1.43
C ASN A 12 -3.16 13.56 -0.87
N LYS A 13 -3.85 12.73 -1.63
CA LYS A 13 -5.17 12.27 -1.22
C LYS A 13 -5.06 10.91 -0.54
N LYS A 14 -4.13 10.11 -1.05
CA LYS A 14 -3.91 8.78 -0.51
C LYS A 14 -2.94 8.87 0.66
N CYS A 15 -2.35 7.72 0.98
CA CYS A 15 -1.40 7.66 2.08
C CYS A 15 -1.01 6.19 2.28
N TRP A 16 0.28 5.93 2.14
CA TRP A 16 0.81 4.58 2.31
C TRP A 16 1.67 4.55 3.57
N VAL A 17 1.94 3.35 4.03
CA VAL A 17 2.77 3.18 5.23
C VAL A 17 3.09 1.70 5.41
N ASN A 18 2.08 0.87 5.17
CA ASN A 18 2.24 -0.56 5.31
C ASN A 18 1.97 -1.24 3.96
N ARG A 19 3.02 -1.34 3.17
CA ARG A 19 2.91 -1.95 1.85
C ARG A 19 3.58 -3.32 1.84
N GLY A 20 4.85 -3.33 2.23
CA GLY A 20 5.61 -4.56 2.27
C GLY A 20 4.92 -5.60 3.16
N GLU A 21 4.72 -5.24 4.41
CA GLU A 21 4.06 -6.13 5.35
C GLU A 21 2.76 -6.67 4.77
N ALA A 22 2.06 -5.80 4.06
CA ALA A 22 0.79 -6.16 3.44
C ALA A 22 1.02 -7.38 2.54
N THR A 23 2.02 -7.26 1.67
CA THR A 23 2.34 -8.33 0.75
C THR A 23 2.77 -9.58 1.52
N GLN A 24 3.63 -9.36 2.51
CA GLN A 24 4.13 -10.45 3.33
C GLN A 24 2.97 -11.35 3.79
N SER A 25 1.95 -10.70 4.34
CA SER A 25 0.78 -11.41 4.83
C SER A 25 0.25 -12.35 3.73
N ILE A 26 -0.29 -13.47 4.18
CA ILE A 26 -0.84 -14.45 3.25
C ILE A 26 -2.08 -13.86 2.58
N ILE A 27 -2.93 -13.24 3.39
CA ILE A 27 -4.15 -12.63 2.88
C ILE A 27 -3.79 -11.58 1.83
N GLY A 28 -2.66 -10.93 2.06
CA GLY A 28 -2.20 -9.89 1.15
C GLY A 28 -3.35 -9.01 0.71
N GLY A 29 -3.57 -7.94 1.47
CA GLY A 29 -4.65 -7.01 1.16
C GLY A 29 -4.28 -6.14 -0.05
N MET A 30 -3.15 -5.46 0.07
CA MET A 30 -2.68 -4.59 -1.00
C MET A 30 -2.52 -5.38 -2.31
N ILE A 31 -1.80 -6.48 -2.21
CA ILE A 31 -1.56 -7.32 -3.37
C ILE A 31 -2.90 -7.70 -4.00
N SER A 32 -3.77 -8.26 -3.18
CA SER A 32 -5.08 -8.68 -3.64
C SER A 32 -5.68 -7.60 -4.56
N GLY A 33 -5.37 -6.36 -4.24
CA GLY A 33 -5.87 -5.24 -5.02
C GLY A 33 -5.09 -5.12 -6.33
N TRP A 34 -3.79 -5.30 -6.24
CA TRP A 34 -2.93 -5.21 -7.41
C TRP A 34 -3.41 -6.27 -8.42
N ALA A 35 -3.45 -7.50 -7.95
CA ALA A 35 -3.88 -8.61 -8.80
C ALA A 35 -5.32 -8.37 -9.25
N SER A 36 -6.11 -7.84 -8.33
CA SER A 36 -7.51 -7.55 -8.63
C SER A 36 -7.61 -6.44 -9.68
N GLY A 37 -6.67 -5.51 -9.60
CA GLY A 37 -6.64 -4.40 -10.52
C GLY A 37 -6.36 -4.87 -11.95
N LEU A 38 -5.24 -5.58 -12.09
CA LEU A 38 -4.84 -6.10 -13.39
C LEU A 38 -5.96 -7.00 -13.94
N ALA A 39 -6.55 -7.76 -13.03
CA ALA A 39 -7.63 -8.66 -13.40
C ALA A 39 -8.83 -7.85 -13.88
N GLY A 40 -8.99 -6.67 -13.28
CA GLY A 40 -10.09 -5.79 -13.63
C GLY A 40 -9.94 -5.28 -15.07
N MET A 41 -10.20 -6.17 -16.02
CA MET A 41 -10.09 -5.82 -17.42
C MET A 41 -10.46 -7.01 -18.31
N ALA A 1 10.90 13.00 8.35
CA ALA A 1 9.86 13.91 7.88
C ALA A 1 8.50 13.21 8.01
N ARG A 2 7.91 13.37 9.19
CA ARG A 2 6.62 12.77 9.48
C ARG A 2 6.67 11.26 9.25
N SER A 3 5.70 10.58 9.82
CA SER A 3 5.62 9.13 9.70
C SER A 3 4.39 8.60 10.44
N TYR A 4 4.24 9.07 11.67
CA TYR A 4 3.11 8.65 12.49
C TYR A 4 2.78 7.17 12.27
N GLY A 5 3.59 6.32 12.89
CA GLY A 5 3.40 4.88 12.78
C GLY A 5 2.97 4.51 11.36
N ASN A 6 3.64 5.12 10.40
CA ASN A 6 3.34 4.86 9.00
C ASN A 6 1.91 5.31 8.69
N GLY A 7 1.60 5.34 7.40
CA GLY A 7 0.27 5.74 6.96
C GLY A 7 -0.05 7.17 7.42
N VAL A 8 0.55 8.13 6.74
CA VAL A 8 0.35 9.53 7.05
C VAL A 8 0.95 10.39 5.96
N TYR A 9 2.13 9.99 5.51
CA TYR A 9 2.83 10.72 4.47
C TYR A 9 2.42 10.22 3.08
N CYS A 10 1.15 9.90 2.95
CA CYS A 10 0.62 9.40 1.69
C CYS A 10 0.48 10.58 0.73
N ASN A 11 1.58 10.87 0.03
CA ASN A 11 1.58 11.97 -0.92
C ASN A 11 0.44 11.79 -1.92
N ASN A 12 0.42 12.65 -2.92
CA ASN A 12 -0.60 12.60 -3.95
C ASN A 12 -0.15 11.69 -5.07
N LYS A 13 0.89 12.14 -5.78
CA LYS A 13 1.43 11.37 -6.89
C LYS A 13 2.03 10.07 -6.35
N LYS A 14 2.61 10.16 -5.17
CA LYS A 14 3.23 9.00 -4.54
C LYS A 14 2.18 8.29 -3.67
N CYS A 15 2.21 8.60 -2.39
CA CYS A 15 1.28 8.00 -1.45
C CYS A 15 1.93 6.73 -0.88
N TRP A 16 2.64 6.02 -1.73
CA TRP A 16 3.30 4.80 -1.33
C TRP A 16 2.24 3.77 -0.96
N VAL A 17 1.77 3.07 -1.98
CA VAL A 17 0.74 2.06 -1.79
C VAL A 17 1.24 1.04 -0.77
N ASN A 18 2.49 0.65 -0.92
CA ASN A 18 3.09 -0.32 -0.02
C ASN A 18 4.60 -0.03 0.10
N ARG A 19 4.95 0.58 1.22
CA ARG A 19 6.34 0.91 1.46
C ARG A 19 7.22 -0.34 1.35
N GLY A 20 6.88 -1.33 2.15
CA GLY A 20 7.63 -2.58 2.16
C GLY A 20 6.98 -3.59 3.10
N GLU A 21 6.79 -3.16 4.34
CA GLU A 21 6.18 -4.02 5.35
C GLU A 21 4.90 -4.64 4.82
N ALA A 22 4.05 -3.80 4.26
CA ALA A 22 2.80 -4.25 3.70
C ALA A 22 3.06 -5.34 2.66
N THR A 23 4.02 -5.06 1.79
CA THR A 23 4.38 -6.00 0.74
C THR A 23 4.74 -7.36 1.35
N GLN A 24 5.82 -7.36 2.11
CA GLN A 24 6.28 -8.59 2.75
C GLN A 24 5.17 -9.19 3.61
N SER A 25 4.35 -8.31 4.17
CA SER A 25 3.25 -8.75 5.00
C SER A 25 2.42 -9.80 4.27
N ILE A 26 1.71 -10.61 5.04
CA ILE A 26 0.87 -11.65 4.49
C ILE A 26 -0.27 -11.01 3.70
N ILE A 27 -0.90 -10.02 4.32
CA ILE A 27 -2.01 -9.33 3.69
C ILE A 27 -1.57 -8.82 2.31
N GLY A 28 -0.29 -8.49 2.23
CA GLY A 28 0.27 -7.99 0.99
C GLY A 28 -0.22 -8.82 -0.21
N GLY A 29 -0.38 -10.12 0.03
CA GLY A 29 -0.84 -11.01 -1.00
C GLY A 29 -2.32 -10.83 -1.28
N MET A 30 -3.09 -10.70 -0.20
CA MET A 30 -4.52 -10.52 -0.33
C MET A 30 -4.85 -9.19 -1.00
N ILE A 31 -4.25 -8.13 -0.48
CA ILE A 31 -4.46 -6.80 -1.03
C ILE A 31 -4.15 -6.81 -2.52
N SER A 32 -2.95 -7.26 -2.84
CA SER A 32 -2.52 -7.33 -4.23
C SER A 32 -3.66 -7.86 -5.11
N GLY A 33 -4.41 -8.80 -4.54
CA GLY A 33 -5.53 -9.39 -5.26
C GLY A 33 -6.69 -8.41 -5.38
N TRP A 34 -6.92 -7.67 -4.30
CA TRP A 34 -7.99 -6.70 -4.28
C TRP A 34 -7.74 -5.69 -5.40
N ALA A 35 -6.56 -5.08 -5.36
CA ALA A 35 -6.19 -4.10 -6.36
C ALA A 35 -6.21 -4.76 -7.75
N SER A 36 -5.78 -6.02 -7.78
CA SER A 36 -5.74 -6.77 -9.02
C SER A 36 -7.15 -6.87 -9.61
N GLY A 37 -8.12 -7.00 -8.71
CA GLY A 37 -9.51 -7.11 -9.13
C GLY A 37 -10.04 -5.77 -9.65
N LEU A 38 -9.79 -4.73 -8.86
CA LEU A 38 -10.23 -3.40 -9.23
C LEU A 38 -9.63 -3.02 -10.58
N ALA A 39 -8.31 -3.18 -10.68
CA ALA A 39 -7.62 -2.86 -11.91
C ALA A 39 -8.13 -3.76 -13.03
N GLY A 40 -8.62 -4.93 -12.64
CA GLY A 40 -9.14 -5.89 -13.60
C GLY A 40 -10.50 -5.44 -14.13
N MET A 41 -10.48 -4.33 -14.86
CA MET A 41 -11.70 -3.78 -15.43
C MET A 41 -12.40 -4.82 -16.32
N ALA A 1 4.38 18.75 2.00
CA ALA A 1 5.26 17.78 1.37
C ALA A 1 6.64 17.88 2.02
N ARG A 2 7.05 16.78 2.64
CA ARG A 2 8.34 16.72 3.29
C ARG A 2 9.22 15.64 2.66
N SER A 3 10.51 15.75 2.90
CA SER A 3 11.46 14.79 2.35
C SER A 3 12.40 14.31 3.47
N TYR A 4 12.11 14.75 4.68
CA TYR A 4 12.91 14.37 5.83
C TYR A 4 13.39 12.91 5.70
N GLY A 5 12.43 12.01 5.71
CA GLY A 5 12.73 10.59 5.60
C GLY A 5 11.69 9.87 4.74
N ASN A 6 12.01 8.63 4.40
CA ASN A 6 11.12 7.82 3.58
C ASN A 6 9.79 7.63 4.33
N GLY A 7 8.92 8.63 4.21
CA GLY A 7 7.64 8.58 4.86
C GLY A 7 7.59 9.53 6.06
N VAL A 8 7.06 10.71 5.83
CA VAL A 8 6.95 11.71 6.88
C VAL A 8 5.62 12.47 6.72
N TYR A 9 5.64 13.44 5.82
CA TYR A 9 4.45 14.24 5.56
C TYR A 9 3.19 13.39 5.65
N CYS A 10 3.29 12.18 5.13
CA CYS A 10 2.16 11.26 5.15
C CYS A 10 1.73 11.04 6.59
N ASN A 11 0.85 10.08 6.79
CA ASN A 11 0.34 9.76 8.11
C ASN A 11 1.32 8.81 8.81
N ASN A 12 1.12 7.52 8.53
CA ASN A 12 1.98 6.51 9.12
C ASN A 12 1.35 5.13 8.89
N LYS A 13 0.03 5.08 9.06
CA LYS A 13 -0.71 3.83 8.87
C LYS A 13 -1.32 3.82 7.47
N LYS A 14 -1.81 4.99 7.06
CA LYS A 14 -2.43 5.12 5.76
C LYS A 14 -1.59 6.07 4.89
N CYS A 15 -2.26 6.68 3.92
CA CYS A 15 -1.59 7.61 3.02
C CYS A 15 -0.91 6.80 1.92
N TRP A 16 -1.31 5.55 1.82
CA TRP A 16 -0.75 4.66 0.80
C TRP A 16 -1.75 3.53 0.56
N VAL A 17 -3.01 3.92 0.43
CA VAL A 17 -4.07 2.96 0.19
C VAL A 17 -3.83 1.72 1.05
N ASN A 18 -3.56 1.95 2.32
CA ASN A 18 -3.31 0.86 3.26
C ASN A 18 -2.22 -0.04 2.68
N ARG A 19 -0.98 0.29 3.01
CA ARG A 19 0.15 -0.48 2.54
C ARG A 19 0.65 -1.43 3.63
N GLY A 20 0.24 -1.12 4.87
CA GLY A 20 0.63 -1.93 6.00
C GLY A 20 -0.04 -3.31 5.96
N GLU A 21 -1.35 -3.29 6.17
CA GLU A 21 -2.12 -4.52 6.17
C GLU A 21 -1.82 -5.32 4.90
N ALA A 22 -1.44 -4.60 3.86
CA ALA A 22 -1.12 -5.24 2.59
C ALA A 22 0.16 -6.08 2.76
N THR A 23 1.18 -5.43 3.29
CA THR A 23 2.45 -6.10 3.50
C THR A 23 2.36 -7.06 4.70
N GLN A 24 1.63 -6.62 5.72
CA GLN A 24 1.46 -7.42 6.91
C GLN A 24 0.91 -8.80 6.55
N SER A 25 -0.25 -8.79 5.93
CA SER A 25 -0.90 -10.03 5.52
C SER A 25 -0.24 -10.57 4.26
N ILE A 26 -0.09 -11.89 4.22
CA ILE A 26 0.52 -12.54 3.08
C ILE A 26 -0.41 -12.41 1.86
N ILE A 27 -1.66 -12.74 2.08
CA ILE A 27 -2.65 -12.66 1.02
C ILE A 27 -2.59 -11.29 0.37
N GLY A 28 -2.32 -10.29 1.20
CA GLY A 28 -2.23 -8.92 0.71
C GLY A 28 -1.55 -8.87 -0.66
N GLY A 29 -0.57 -9.74 -0.83
CA GLY A 29 0.16 -9.81 -2.08
C GLY A 29 -0.68 -10.43 -3.18
N MET A 30 -1.30 -11.55 -2.84
CA MET A 30 -2.14 -12.27 -3.79
C MET A 30 -3.34 -11.42 -4.21
N ILE A 31 -4.04 -10.89 -3.20
CA ILE A 31 -5.20 -10.06 -3.43
C ILE A 31 -4.82 -8.92 -4.38
N SER A 32 -3.79 -8.18 -3.98
CA SER A 32 -3.32 -7.06 -4.78
C SER A 32 -3.26 -7.45 -6.25
N GLY A 33 -2.88 -8.70 -6.48
CA GLY A 33 -2.78 -9.20 -7.84
C GLY A 33 -4.16 -9.44 -8.44
N TRP A 34 -5.07 -9.90 -7.60
CA TRP A 34 -6.43 -10.16 -8.04
C TRP A 34 -7.01 -8.86 -8.59
N ALA A 35 -6.92 -7.82 -7.77
CA ALA A 35 -7.43 -6.51 -8.16
C ALA A 35 -6.63 -5.99 -9.36
N SER A 36 -5.34 -6.28 -9.33
CA SER A 36 -4.45 -5.85 -10.40
C SER A 36 -4.90 -6.45 -11.73
N GLY A 37 -5.37 -7.68 -11.65
CA GLY A 37 -5.84 -8.39 -12.83
C GLY A 37 -7.16 -7.81 -13.32
N LEU A 38 -8.10 -7.68 -12.39
CA LEU A 38 -9.41 -7.15 -12.71
C LEU A 38 -9.26 -5.77 -13.34
N ALA A 39 -8.50 -4.92 -12.66
CA ALA A 39 -8.26 -3.57 -13.14
C ALA A 39 -7.45 -3.63 -14.43
N GLY A 40 -6.71 -4.72 -14.59
CA GLY A 40 -5.89 -4.92 -15.76
C GLY A 40 -6.75 -5.24 -16.99
N MET A 41 -7.53 -4.25 -17.40
CA MET A 41 -8.41 -4.42 -18.55
C MET A 41 -7.60 -4.37 -19.86
N ALA A 1 -0.32 18.97 5.16
CA ALA A 1 0.27 19.10 3.84
C ALA A 1 0.64 17.72 3.31
N ARG A 2 -0.10 17.27 2.32
CA ARG A 2 0.14 15.96 1.72
C ARG A 2 -0.04 14.86 2.76
N SER A 3 -0.84 13.87 2.40
CA SER A 3 -1.10 12.76 3.29
C SER A 3 -1.45 11.51 2.48
N TYR A 4 -2.31 11.70 1.49
CA TYR A 4 -2.74 10.60 0.65
C TYR A 4 -3.25 9.43 1.47
N GLY A 5 -3.80 8.44 0.78
CA GLY A 5 -4.33 7.27 1.44
C GLY A 5 -3.42 6.82 2.58
N ASN A 6 -2.28 6.27 2.20
CA ASN A 6 -1.31 5.80 3.18
C ASN A 6 0.04 5.61 2.50
N GLY A 7 1.09 5.99 3.22
CA GLY A 7 2.44 5.87 2.71
C GLY A 7 2.84 7.12 1.91
N VAL A 8 2.88 8.24 2.61
CA VAL A 8 3.23 9.50 2.00
C VAL A 8 3.88 10.42 3.04
N TYR A 9 3.02 11.09 3.79
CA TYR A 9 3.49 12.00 4.83
C TYR A 9 4.73 11.42 5.54
N CYS A 10 4.64 10.15 5.88
CA CYS A 10 5.74 9.48 6.55
C CYS A 10 6.10 10.29 7.80
N ASN A 11 7.05 9.77 8.56
CA ASN A 11 7.49 10.43 9.77
C ASN A 11 8.51 11.50 9.41
N ASN A 12 9.57 11.08 8.72
CA ASN A 12 10.62 12.01 8.31
C ASN A 12 11.48 11.34 7.24
N LYS A 13 12.32 10.42 7.71
CA LYS A 13 13.20 9.69 6.81
C LYS A 13 12.53 8.40 6.36
N LYS A 14 11.73 7.84 7.25
CA LYS A 14 11.03 6.61 6.97
C LYS A 14 9.64 6.65 7.60
N CYS A 15 8.87 5.61 7.34
CA CYS A 15 7.52 5.52 7.88
C CYS A 15 7.54 4.60 9.09
N TRP A 16 7.13 3.36 8.86
CA TRP A 16 7.11 2.38 9.92
C TRP A 16 6.35 1.15 9.42
N VAL A 17 7.01 0.02 9.46
CA VAL A 17 6.41 -1.23 9.00
C VAL A 17 5.81 -1.02 7.61
N ASN A 18 5.27 -2.10 7.08
CA ASN A 18 4.66 -2.05 5.75
C ASN A 18 3.54 -1.01 5.75
N ARG A 19 3.87 0.17 5.24
CA ARG A 19 2.91 1.25 5.17
C ARG A 19 2.16 1.22 3.84
N GLY A 20 2.29 0.09 3.16
CA GLY A 20 1.63 -0.08 1.87
C GLY A 20 0.89 -1.43 1.81
N GLU A 21 1.68 -2.50 1.87
CA GLU A 21 1.11 -3.83 1.81
C GLU A 21 -0.01 -3.97 2.84
N ALA A 22 0.21 -3.41 4.02
CA ALA A 22 -0.78 -3.46 5.08
C ALA A 22 -2.09 -2.89 4.57
N THR A 23 -2.00 -1.72 3.97
CA THR A 23 -3.18 -1.05 3.44
C THR A 23 -3.86 -1.93 2.39
N GLN A 24 -3.04 -2.57 1.57
CA GLN A 24 -3.54 -3.45 0.53
C GLN A 24 -4.29 -4.63 1.15
N SER A 25 -3.52 -5.57 1.69
CA SER A 25 -4.09 -6.75 2.31
C SER A 25 -3.09 -7.35 3.29
N ILE A 26 -3.57 -8.34 4.04
CA ILE A 26 -2.73 -9.00 5.03
C ILE A 26 -1.47 -9.53 4.35
N ILE A 27 -1.67 -10.12 3.17
CA ILE A 27 -0.56 -10.67 2.42
C ILE A 27 0.10 -9.55 1.62
N GLY A 28 -0.72 -8.63 1.13
CA GLY A 28 -0.23 -7.51 0.35
C GLY A 28 0.05 -7.93 -1.10
N GLY A 29 0.78 -9.02 -1.24
CA GLY A 29 1.13 -9.53 -2.55
C GLY A 29 -0.08 -10.22 -3.20
N MET A 30 -0.79 -10.99 -2.40
CA MET A 30 -1.96 -11.70 -2.88
C MET A 30 -2.98 -10.72 -3.49
N ILE A 31 -3.33 -9.71 -2.72
CA ILE A 31 -4.28 -8.71 -3.17
C ILE A 31 -3.79 -8.12 -4.50
N SER A 32 -2.57 -7.63 -4.48
CA SER A 32 -1.97 -7.03 -5.66
C SER A 32 -2.29 -7.90 -6.90
N GLY A 33 -2.33 -9.20 -6.65
CA GLY A 33 -2.61 -10.15 -7.73
C GLY A 33 -4.08 -10.08 -8.14
N TRP A 34 -4.95 -9.96 -7.14
CA TRP A 34 -6.38 -9.88 -7.38
C TRP A 34 -6.63 -8.68 -8.29
N ALA A 35 -6.13 -7.54 -7.86
CA ALA A 35 -6.31 -6.31 -8.62
C ALA A 35 -5.63 -6.47 -9.99
N SER A 36 -4.50 -7.15 -9.98
CA SER A 36 -3.75 -7.38 -11.20
C SER A 36 -4.63 -8.12 -12.23
N GLY A 37 -5.44 -9.03 -11.71
CA GLY A 37 -6.33 -9.80 -12.56
C GLY A 37 -7.50 -8.95 -13.05
N LEU A 38 -8.15 -8.27 -12.10
CA LEU A 38 -9.28 -7.43 -12.42
C LEU A 38 -8.86 -6.41 -13.48
N ALA A 39 -7.75 -5.73 -13.21
CA ALA A 39 -7.23 -4.73 -14.13
C ALA A 39 -6.82 -5.41 -15.43
N GLY A 40 -6.50 -6.70 -15.32
CA GLY A 40 -6.08 -7.47 -16.49
C GLY A 40 -7.29 -7.80 -17.37
N MET A 41 -7.88 -6.76 -17.92
CA MET A 41 -9.04 -6.93 -18.79
C MET A 41 -10.17 -7.65 -18.07
N ALA A 1 9.54 17.80 2.31
CA ALA A 1 10.29 17.63 3.54
C ALA A 1 9.95 16.26 4.15
N ARG A 2 8.68 16.07 4.45
CA ARG A 2 8.23 14.82 5.02
C ARG A 2 8.71 13.64 4.19
N SER A 3 9.10 12.58 4.89
CA SER A 3 9.59 11.38 4.21
C SER A 3 9.81 10.27 5.24
N TYR A 4 10.38 10.67 6.38
CA TYR A 4 10.65 9.72 7.45
C TYR A 4 11.50 8.56 6.94
N GLY A 5 10.81 7.56 6.41
CA GLY A 5 11.49 6.38 5.88
C GLY A 5 10.87 5.94 4.55
N ASN A 6 9.66 5.41 4.66
CA ASN A 6 8.95 4.94 3.48
C ASN A 6 7.44 5.12 3.70
N GLY A 7 6.90 6.17 3.10
CA GLY A 7 5.48 6.46 3.22
C GLY A 7 5.14 6.94 4.63
N VAL A 8 4.57 8.13 4.68
CA VAL A 8 4.19 8.72 5.97
C VAL A 8 3.09 9.76 5.74
N TYR A 9 3.46 10.84 5.05
CA TYR A 9 2.52 11.90 4.76
C TYR A 9 1.25 11.35 4.12
N CYS A 10 1.37 10.15 3.57
CA CYS A 10 0.24 9.51 2.92
C CYS A 10 -0.04 10.25 1.61
N ASN A 11 -0.46 9.48 0.61
CA ASN A 11 -0.76 10.04 -0.69
C ASN A 11 -2.00 10.93 -0.58
N ASN A 12 -3.17 10.28 -0.64
CA ASN A 12 -4.42 11.00 -0.55
C ASN A 12 -5.57 10.02 -0.78
N LYS A 13 -5.44 9.25 -1.85
CA LYS A 13 -6.47 8.27 -2.20
C LYS A 13 -6.04 6.89 -1.68
N LYS A 14 -4.81 6.53 -1.99
CA LYS A 14 -4.28 5.25 -1.56
C LYS A 14 -3.97 5.30 -0.06
N CYS A 15 -3.29 6.36 0.33
CA CYS A 15 -2.94 6.54 1.73
C CYS A 15 -2.48 5.19 2.28
N TRP A 16 -1.22 4.88 2.04
CA TRP A 16 -0.65 3.62 2.51
C TRP A 16 -1.12 3.40 3.94
N VAL A 17 -0.80 4.36 4.79
CA VAL A 17 -1.20 4.28 6.19
C VAL A 17 -0.50 3.09 6.84
N ASN A 18 -1.06 1.92 6.64
CA ASN A 18 -0.51 0.70 7.20
C ASN A 18 -0.52 -0.39 6.13
N ARG A 19 0.57 -0.44 5.37
CA ARG A 19 0.71 -1.43 4.31
C ARG A 19 1.73 -2.50 4.71
N GLY A 20 2.56 -2.15 5.69
CA GLY A 20 3.58 -3.06 6.17
C GLY A 20 2.97 -4.43 6.52
N GLU A 21 1.96 -4.39 7.37
CA GLU A 21 1.30 -5.61 7.78
C GLU A 21 0.79 -6.40 6.56
N ALA A 22 0.35 -5.64 5.57
CA ALA A 22 -0.16 -6.26 4.35
C ALA A 22 0.97 -7.03 3.66
N THR A 23 2.10 -6.35 3.51
CA THR A 23 3.26 -6.96 2.87
C THR A 23 3.67 -8.22 3.63
N GLN A 24 4.11 -8.02 4.86
CA GLN A 24 4.54 -9.13 5.70
C GLN A 24 3.47 -10.22 5.71
N SER A 25 2.23 -9.79 5.55
CA SER A 25 1.11 -10.72 5.55
C SER A 25 1.05 -11.47 4.22
N ILE A 26 0.86 -12.78 4.32
CA ILE A 26 0.79 -13.61 3.13
C ILE A 26 -0.20 -12.99 2.14
N ILE A 27 -1.30 -12.49 2.68
CA ILE A 27 -2.32 -11.87 1.85
C ILE A 27 -1.68 -10.77 1.00
N GLY A 28 -0.62 -10.20 1.54
CA GLY A 28 0.09 -9.14 0.84
C GLY A 28 0.13 -9.39 -0.67
N GLY A 29 0.25 -10.67 -1.01
CA GLY A 29 0.31 -11.06 -2.41
C GLY A 29 -1.07 -10.95 -3.06
N MET A 30 -2.04 -11.60 -2.42
CA MET A 30 -3.40 -11.58 -2.93
C MET A 30 -3.92 -10.16 -3.08
N ILE A 31 -3.77 -9.39 -2.00
CA ILE A 31 -4.21 -8.01 -2.01
C ILE A 31 -3.57 -7.27 -3.19
N SER A 32 -2.25 -7.34 -3.25
CA SER A 32 -1.51 -6.70 -4.32
C SER A 32 -2.21 -6.92 -5.65
N GLY A 33 -2.80 -8.10 -5.79
CA GLY A 33 -3.50 -8.45 -7.01
C GLY A 33 -4.83 -7.69 -7.12
N TRP A 34 -5.51 -7.58 -5.99
CA TRP A 34 -6.77 -6.89 -5.94
C TRP A 34 -6.54 -5.44 -6.40
N ALA A 35 -5.66 -4.77 -5.69
CA ALA A 35 -5.33 -3.38 -6.02
C ALA A 35 -4.84 -3.31 -7.46
N SER A 36 -4.08 -4.32 -7.85
CA SER A 36 -3.53 -4.39 -9.19
C SER A 36 -4.66 -4.59 -10.21
N GLY A 37 -5.66 -5.34 -9.77
CA GLY A 37 -6.81 -5.62 -10.63
C GLY A 37 -7.64 -4.36 -10.86
N LEU A 38 -8.07 -3.75 -9.76
CA LEU A 38 -8.88 -2.54 -9.83
C LEU A 38 -8.12 -1.49 -10.66
N ALA A 39 -6.86 -1.28 -10.29
CA ALA A 39 -6.04 -0.31 -10.97
C ALA A 39 -5.74 -0.81 -12.40
N GLY A 40 -5.73 -2.12 -12.53
CA GLY A 40 -5.47 -2.74 -13.82
C GLY A 40 -6.70 -2.66 -14.72
N MET A 41 -7.01 -1.44 -15.12
CA MET A 41 -8.16 -1.21 -15.99
C MET A 41 -8.16 -2.19 -17.16
N ALA A 1 10.99 13.37 6.32
CA ALA A 1 10.96 13.36 7.76
C ALA A 1 10.41 12.01 8.25
N ARG A 2 9.17 11.74 7.87
CA ARG A 2 8.53 10.50 8.26
C ARG A 2 9.01 9.35 7.37
N SER A 3 8.94 8.14 7.92
CA SER A 3 9.36 6.96 7.18
C SER A 3 9.37 5.75 8.12
N TYR A 4 8.33 5.65 8.92
CA TYR A 4 8.22 4.54 9.87
C TYR A 4 7.77 3.27 9.16
N GLY A 5 8.73 2.42 8.86
CA GLY A 5 8.44 1.16 8.18
C GLY A 5 7.38 1.35 7.11
N ASN A 6 7.51 2.44 6.37
CA ASN A 6 6.57 2.74 5.30
C ASN A 6 5.15 2.55 5.82
N GLY A 7 4.57 3.64 6.30
CA GLY A 7 3.22 3.61 6.83
C GLY A 7 3.03 4.66 7.91
N VAL A 8 3.18 5.92 7.51
CA VAL A 8 3.03 7.02 8.44
C VAL A 8 2.89 8.34 7.65
N TYR A 9 3.73 8.46 6.63
CA TYR A 9 3.71 9.65 5.80
C TYR A 9 2.72 9.49 4.64
N CYS A 10 1.58 8.90 4.97
CA CYS A 10 0.55 8.68 3.97
C CYS A 10 0.17 10.02 3.36
N ASN A 11 -0.93 10.03 2.62
CA ASN A 11 -1.40 11.24 1.98
C ASN A 11 -2.91 11.13 1.73
N ASN A 12 -3.25 10.25 0.80
CA ASN A 12 -4.64 10.04 0.45
C ASN A 12 -5.09 8.66 0.96
N LYS A 13 -6.10 8.12 0.30
CA LYS A 13 -6.63 6.82 0.67
C LYS A 13 -5.47 5.84 0.89
N LYS A 14 -4.36 6.14 0.23
CA LYS A 14 -3.18 5.30 0.34
C LYS A 14 -1.93 6.19 0.46
N CYS A 15 -0.85 5.58 0.91
CA CYS A 15 0.40 6.30 1.08
C CYS A 15 1.00 6.56 -0.31
N TRP A 16 2.03 5.78 -0.61
CA TRP A 16 2.71 5.91 -1.89
C TRP A 16 2.28 4.73 -2.77
N VAL A 17 3.00 4.55 -3.86
CA VAL A 17 2.70 3.47 -4.79
C VAL A 17 2.27 2.24 -4.01
N ASN A 18 3.15 1.80 -3.11
CA ASN A 18 2.87 0.63 -2.29
C ASN A 18 3.80 0.64 -1.08
N ARG A 19 3.67 1.68 -0.27
CA ARG A 19 4.49 1.82 0.93
C ARG A 19 3.64 1.60 2.17
N GLY A 20 2.33 1.69 1.99
CA GLY A 20 1.41 1.49 3.10
C GLY A 20 1.37 0.01 3.51
N GLU A 21 0.15 -0.48 3.70
CA GLU A 21 -0.05 -1.86 4.10
C GLU A 21 0.75 -2.79 3.18
N ALA A 22 1.04 -2.30 1.99
CA ALA A 22 1.80 -3.07 1.03
C ALA A 22 3.12 -3.53 1.66
N THR A 23 3.83 -2.56 2.23
CA THR A 23 5.10 -2.85 2.87
C THR A 23 4.87 -3.38 4.28
N GLN A 24 4.14 -2.61 5.07
CA GLN A 24 3.85 -2.99 6.44
C GLN A 24 3.51 -4.48 6.50
N SER A 25 2.48 -4.86 5.76
CA SER A 25 2.04 -6.25 5.73
C SER A 25 2.42 -6.88 4.39
N ILE A 26 3.04 -8.05 4.48
CA ILE A 26 3.47 -8.76 3.30
C ILE A 26 2.24 -9.26 2.54
N ILE A 27 1.24 -9.68 3.31
CA ILE A 27 0.01 -10.18 2.73
C ILE A 27 -0.61 -9.10 1.84
N GLY A 28 -0.46 -7.86 2.27
CA GLY A 28 -0.99 -6.73 1.53
C GLY A 28 -2.43 -7.01 1.07
N GLY A 29 -3.37 -6.62 1.93
CA GLY A 29 -4.76 -6.82 1.63
C GLY A 29 -5.25 -5.82 0.57
N MET A 30 -5.08 -4.55 0.89
CA MET A 30 -5.49 -3.49 -0.02
C MET A 30 -4.81 -3.64 -1.38
N ILE A 31 -3.50 -3.80 -1.34
CA ILE A 31 -2.72 -3.96 -2.57
C ILE A 31 -3.29 -5.12 -3.38
N SER A 32 -3.38 -6.27 -2.71
CA SER A 32 -3.90 -7.47 -3.36
C SER A 32 -5.14 -7.12 -4.20
N GLY A 33 -5.92 -6.18 -3.68
CA GLY A 33 -7.12 -5.75 -4.36
C GLY A 33 -6.78 -4.92 -5.61
N TRP A 34 -5.78 -4.06 -5.45
CA TRP A 34 -5.34 -3.22 -6.55
C TRP A 34 -4.94 -4.12 -7.71
N ALA A 35 -4.05 -5.06 -7.41
CA ALA A 35 -3.58 -5.99 -8.43
C ALA A 35 -4.77 -6.81 -8.95
N SER A 36 -5.67 -7.13 -8.04
CA SER A 36 -6.85 -7.90 -8.38
C SER A 36 -7.66 -7.18 -9.46
N GLY A 37 -7.67 -5.85 -9.34
CA GLY A 37 -8.41 -5.03 -10.30
C GLY A 37 -7.68 -4.96 -11.64
N LEU A 38 -6.39 -4.66 -11.56
CA LEU A 38 -5.57 -4.56 -12.75
C LEU A 38 -5.53 -5.92 -13.46
N ALA A 39 -5.21 -6.94 -12.68
CA ALA A 39 -5.14 -8.29 -13.21
C ALA A 39 -6.53 -8.72 -13.68
N GLY A 40 -7.55 -8.17 -13.03
CA GLY A 40 -8.92 -8.49 -13.36
C GLY A 40 -9.34 -7.81 -14.66
N MET A 41 -8.63 -8.16 -15.73
CA MET A 41 -8.92 -7.59 -17.03
C MET A 41 -9.24 -6.10 -16.93
N ALA A 1 10.07 17.34 0.59
CA ALA A 1 8.79 16.75 0.99
C ALA A 1 8.94 15.22 1.04
N ARG A 2 7.92 14.58 1.58
CA ARG A 2 7.92 13.13 1.70
C ARG A 2 7.32 12.50 0.44
N SER A 3 7.68 11.24 0.23
CA SER A 3 7.18 10.51 -0.93
C SER A 3 8.04 9.27 -1.17
N TYR A 4 8.35 8.59 -0.08
CA TYR A 4 9.16 7.37 -0.15
C TYR A 4 8.33 6.19 -0.64
N GLY A 5 8.77 5.61 -1.74
CA GLY A 5 8.09 4.47 -2.32
C GLY A 5 6.70 4.87 -2.84
N ASN A 6 5.68 4.34 -2.19
CA ASN A 6 4.31 4.62 -2.57
C ASN A 6 4.00 6.10 -2.28
N GLY A 7 4.17 6.46 -1.01
CA GLY A 7 3.91 7.83 -0.58
C GLY A 7 4.53 8.10 0.80
N VAL A 8 4.16 7.26 1.75
CA VAL A 8 4.67 7.39 3.10
C VAL A 8 3.88 8.48 3.83
N TYR A 9 3.81 9.63 3.19
CA TYR A 9 3.09 10.76 3.76
C TYR A 9 1.64 10.39 4.07
N CYS A 10 1.03 9.71 3.12
CA CYS A 10 -0.36 9.29 3.26
C CYS A 10 -0.79 8.62 1.97
N ASN A 11 -2.10 8.41 1.85
CA ASN A 11 -2.67 7.79 0.67
C ASN A 11 -3.59 8.77 -0.03
N ASN A 12 -4.71 9.05 0.62
CA ASN A 12 -5.69 9.97 0.06
C ASN A 12 -6.55 10.53 1.19
N LYS A 13 -7.32 9.64 1.80
CA LYS A 13 -8.19 10.03 2.89
C LYS A 13 -7.51 9.71 4.23
N LYS A 14 -6.78 8.61 4.23
CA LYS A 14 -6.07 8.19 5.43
C LYS A 14 -4.61 7.90 5.08
N CYS A 15 -3.88 7.43 6.07
CA CYS A 15 -2.47 7.11 5.88
C CYS A 15 -2.30 5.60 5.99
N TRP A 16 -1.86 5.16 7.16
CA TRP A 16 -1.66 3.74 7.39
C TRP A 16 -1.17 3.56 8.82
N VAL A 17 -0.72 2.36 9.12
CA VAL A 17 -0.22 2.05 10.46
C VAL A 17 1.12 1.31 10.33
N ASN A 18 1.07 0.15 9.70
CA ASN A 18 2.26 -0.65 9.52
C ASN A 18 2.04 -1.63 8.36
N ARG A 19 2.70 -1.35 7.25
CA ARG A 19 2.58 -2.20 6.08
C ARG A 19 3.22 -3.56 6.34
N GLY A 20 4.28 -3.54 7.14
CA GLY A 20 4.98 -4.76 7.48
C GLY A 20 3.99 -5.91 7.77
N GLU A 21 3.26 -5.76 8.86
CA GLU A 21 2.29 -6.76 9.25
C GLU A 21 1.26 -6.98 8.13
N ALA A 22 1.01 -5.91 7.39
CA ALA A 22 0.07 -5.97 6.28
C ALA A 22 0.55 -7.00 5.26
N THR A 23 1.80 -6.84 4.86
CA THR A 23 2.39 -7.74 3.88
C THR A 23 2.18 -9.20 4.32
N GLN A 24 2.85 -9.56 5.40
CA GLN A 24 2.74 -10.91 5.93
C GLN A 24 1.28 -11.34 6.02
N SER A 25 0.43 -10.37 6.31
CA SER A 25 -1.00 -10.62 6.45
C SER A 25 -1.50 -11.38 5.21
N ILE A 26 -2.63 -12.05 5.38
CA ILE A 26 -3.22 -12.81 4.30
C ILE A 26 -3.62 -11.86 3.17
N ILE A 27 -4.14 -10.71 3.57
CA ILE A 27 -4.57 -9.71 2.61
C ILE A 27 -3.42 -9.39 1.65
N GLY A 28 -2.21 -9.64 2.13
CA GLY A 28 -1.02 -9.38 1.35
C GLY A 28 -1.22 -9.83 -0.10
N GLY A 29 -1.92 -10.94 -0.25
CA GLY A 29 -2.19 -11.49 -1.58
C GLY A 29 -3.26 -10.67 -2.30
N MET A 30 -4.34 -10.39 -1.58
CA MET A 30 -5.44 -9.62 -2.14
C MET A 30 -4.96 -8.24 -2.58
N ILE A 31 -4.29 -7.56 -1.66
CA ILE A 31 -3.78 -6.22 -1.94
C ILE A 31 -2.91 -6.27 -3.20
N SER A 32 -1.93 -7.16 -3.16
CA SER A 32 -1.02 -7.32 -4.29
C SER A 32 -1.80 -7.25 -5.60
N GLY A 33 -3.01 -7.79 -5.57
CA GLY A 33 -3.86 -7.79 -6.74
C GLY A 33 -4.42 -6.39 -7.02
N TRP A 34 -4.86 -5.74 -5.95
CA TRP A 34 -5.42 -4.41 -6.06
C TRP A 34 -4.34 -3.49 -6.68
N ALA A 35 -3.20 -3.45 -6.01
CA ALA A 35 -2.09 -2.64 -6.48
C ALA A 35 -1.70 -3.07 -7.89
N SER A 36 -1.75 -4.38 -8.11
CA SER A 36 -1.40 -4.94 -9.40
C SER A 36 -2.31 -4.36 -10.49
N GLY A 37 -3.57 -4.16 -10.11
CA GLY A 37 -4.55 -3.61 -11.04
C GLY A 37 -4.27 -2.14 -11.31
N LEU A 38 -4.09 -1.39 -10.23
CA LEU A 38 -3.82 0.03 -10.33
C LEU A 38 -2.55 0.25 -11.16
N ALA A 39 -1.50 -0.46 -10.75
CA ALA A 39 -0.22 -0.36 -11.43
C ALA A 39 -0.37 -0.88 -12.87
N GLY A 40 -1.32 -1.78 -13.03
CA GLY A 40 -1.56 -2.37 -14.34
C GLY A 40 -2.37 -1.41 -15.23
N MET A 41 -1.80 -0.24 -15.45
CA MET A 41 -2.44 0.76 -16.27
C MET A 41 -3.85 1.08 -15.74
#